data_7JKT
#
_entry.id   7JKT
#
_cell.length_a   67.252
_cell.length_b   67.857
_cell.length_c   240.585
_cell.angle_alpha   90.000
_cell.angle_beta   90.000
_cell.angle_gamma   90.000
#
_symmetry.space_group_name_H-M   'P 21 21 21'
#
loop_
_entity.id
_entity.type
_entity.pdbx_description
1 polymer 'HIV-1 gp120 core from strain d45-01dG5'
2 polymer 'Heavy chain of antibody 2413a'
3 polymer 'Light chain of antibody 2413a'
4 non-polymer 2-acetamido-2-deoxy-beta-D-glucopyranose
5 non-polymer '4-(2-HYDROXYETHYL)-1-PIPERAZINE ETHANESULFONIC ACID'
6 non-polymer 'SULFATE ION'
7 water water
#
loop_
_entity_poly.entity_id
_entity_poly.type
_entity_poly.pdbx_seq_one_letter_code
_entity_poly.pdbx_strand_id
1 'polypeptide(L)'
;VWKEATATLFCASDAKAYETEVHNVWATHACVPTDPNPQEVVLENVTENFNMWKNNMVEQMHEDIISLWDQSLKPCVKLT
GGSVITQACPKISFEPIPIHYCAPAGFAILKCNDKKFNGTGPCTNVSTVQCTHGIRPVVSTQLLLNGSLAEEEIVIRSEN
ITDNAKIIIVQLNETVEINCTRPNNGGSGSGGDIRQAHCNISKAKWENTLKQIARKLREHFKNETIAFNQSSGGDPEIVM
HSFNCGGEFFYCNSTQLFNSTWTWNDTEVVNNTEKNINITLPCRIKQIINMWQEVGKAMYAPPIKGQIRCSSNITGLLLT
RDGGSSTNGTTETFRPGGGDMRDNWRSELYKYKVVKIEGSLEVLFQGPGHHHHHH
;
G
2 'polypeptide(L)'
;QVQLVQSGPEVRAPGASVTVSCKTSGYSFTDFFIHWVRQAPGQGLEWMGWLNPIFGAVNYAHKYQGRITLTRDTSMKTAY
MQLTNLRSDDTAVFYCVRKRVYDEYDWDWAYWGQGTLVTVSAASTTPPSVYPLAPGSAAQTNSMVTLGCLVKGYFPEPVT
VTWNSGSLSSGVHTFPAVLQSDLYTLSSSVTVPSSTWPSETVTCNVAHPASSTKVDKKIVPRDCDKGLEVLFQ
;
H
3 'polypeptide(L)'
;EIVLTQSPGILSLSPGERATLSCRTSQDVGSNSLAWYQEKPGQAPRLLVYGASNRATGVPDRFSGGGSGTDFTLTISRLE
PEDFAVYYCQQYEYFGRGTKVQVDIKRTDAAPTVSIFPPSSEQLTSGGASVVCFLNNFYPKDINVKWKIDGSERQNGVLN
SWTDQDSKDSTYSMSSTLTLTKDEYERHNSYTCEATHKTSTSPIVKSFNRNEC
;
L
#
# COMPACT_ATOMS: atom_id res chain seq x y z
N TRP A 2 -36.98 20.71 10.52
CA TRP A 2 -36.46 19.98 9.37
C TRP A 2 -35.54 18.84 9.75
N LYS A 3 -36.05 17.83 10.46
CA LYS A 3 -35.22 16.68 10.79
C LYS A 3 -35.19 15.68 9.65
N GLU A 4 -33.99 15.17 9.35
CA GLU A 4 -33.76 14.34 8.18
C GLU A 4 -33.85 12.86 8.54
N ALA A 5 -34.60 12.11 7.74
CA ALA A 5 -34.74 10.67 7.95
C ALA A 5 -34.93 10.00 6.59
N THR A 6 -34.74 8.68 6.58
CA THR A 6 -34.90 7.90 5.37
C THR A 6 -36.37 7.62 5.11
N ALA A 7 -36.75 7.63 3.83
CA ALA A 7 -38.13 7.40 3.45
C ALA A 7 -38.16 6.82 2.05
N THR A 8 -39.05 5.86 1.83
CA THR A 8 -39.15 5.22 0.52
C THR A 8 -39.68 6.20 -0.51
N LEU A 9 -38.88 6.47 -1.54
CA LEU A 9 -39.27 7.41 -2.57
C LEU A 9 -40.18 6.76 -3.60
N PHE A 10 -40.77 7.60 -4.44
CA PHE A 10 -41.44 7.15 -5.65
C PHE A 10 -41.01 8.07 -6.80
N CYS A 11 -41.22 7.59 -8.02
CA CYS A 11 -40.73 8.32 -9.18
C CYS A 11 -41.88 8.86 -10.00
N ALA A 12 -41.58 9.91 -10.77
CA ALA A 12 -42.49 10.45 -11.76
C ALA A 12 -41.73 10.65 -13.06
N SER A 13 -42.40 10.38 -14.18
CA SER A 13 -41.78 10.53 -15.49
C SER A 13 -42.86 10.85 -16.51
N ASP A 14 -42.42 11.23 -17.70
CA ASP A 14 -43.30 11.44 -18.85
C ASP A 14 -43.27 10.26 -19.82
N ALA A 15 -43.11 9.05 -19.29
CA ALA A 15 -43.00 7.87 -20.15
C ALA A 15 -44.24 7.71 -21.00
N LYS A 16 -44.07 7.07 -22.15
CA LYS A 16 -45.17 6.81 -23.06
C LYS A 16 -45.66 5.38 -22.87
N ALA A 17 -46.96 5.24 -22.62
CA ALA A 17 -47.55 3.92 -22.37
C ALA A 17 -47.46 3.00 -23.57
N TYR A 18 -47.34 3.54 -24.77
CA TYR A 18 -47.29 2.72 -25.98
C TYR A 18 -45.89 2.33 -26.38
N GLU A 19 -44.87 3.05 -25.91
CA GLU A 19 -43.52 2.82 -26.38
C GLU A 19 -43.01 1.46 -25.96
N THR A 20 -42.23 0.83 -26.84
CA THR A 20 -41.48 -0.36 -26.49
C THR A 20 -40.10 -0.03 -25.96
N GLU A 21 -39.65 1.21 -26.10
CA GLU A 21 -38.37 1.63 -25.54
C GLU A 21 -38.31 1.24 -24.06
N VAL A 22 -37.17 0.68 -23.68
CA VAL A 22 -37.12 -0.13 -22.47
C VAL A 22 -37.20 0.74 -21.21
N HIS A 23 -36.71 1.99 -21.28
CA HIS A 23 -36.88 2.89 -20.14
C HIS A 23 -38.35 3.31 -20.01
N ASN A 24 -39.03 3.50 -21.14
CA ASN A 24 -40.44 3.86 -21.10
C ASN A 24 -41.29 2.74 -20.51
N VAL A 25 -40.93 1.48 -20.79
CA VAL A 25 -41.71 0.37 -20.26
C VAL A 25 -41.57 0.28 -18.75
N TRP A 26 -40.36 0.49 -18.23
CA TRP A 26 -40.16 0.43 -16.78
C TRP A 26 -40.88 1.56 -16.07
N ALA A 27 -40.75 2.79 -16.59
CA ALA A 27 -41.33 3.94 -15.90
C ALA A 27 -42.85 3.92 -15.94
N THR A 28 -43.44 3.34 -16.98
CA THR A 28 -44.90 3.31 -17.09
C THR A 28 -45.53 2.54 -15.94
N HIS A 29 -44.87 1.51 -15.44
CA HIS A 29 -45.41 0.67 -14.39
C HIS A 29 -44.63 0.79 -13.07
N ALA A 30 -43.71 1.75 -12.97
CA ALA A 30 -43.01 2.01 -11.73
C ALA A 30 -43.05 3.46 -11.29
N CYS A 31 -43.56 4.38 -12.11
CA CYS A 31 -43.66 5.79 -11.78
C CYS A 31 -45.09 6.29 -11.99
N VAL A 32 -45.26 7.60 -11.80
CA VAL A 32 -46.55 8.27 -11.96
C VAL A 32 -46.35 9.48 -12.87
N PRO A 33 -47.41 10.15 -13.33
CA PRO A 33 -47.22 11.33 -14.17
C PRO A 33 -46.55 12.49 -13.44
N THR A 34 -46.04 13.41 -14.24
CA THR A 34 -45.32 14.58 -13.75
C THR A 34 -46.28 15.72 -13.42
N ASP A 35 -46.00 16.41 -12.32
CA ASP A 35 -46.71 17.64 -12.02
C ASP A 35 -46.33 18.71 -13.04
N PRO A 36 -47.28 19.22 -13.84
CA PRO A 36 -46.90 20.19 -14.89
C PRO A 36 -46.30 21.47 -14.34
N ASN A 37 -46.91 22.07 -13.31
CA ASN A 37 -46.41 23.29 -12.69
C ASN A 37 -46.12 22.99 -11.23
N PRO A 38 -44.96 22.42 -10.93
CA PRO A 38 -44.64 22.05 -9.54
C PRO A 38 -44.35 23.27 -8.70
N GLN A 39 -44.52 23.09 -7.39
CA GLN A 39 -44.25 24.15 -6.43
C GLN A 39 -42.80 24.11 -5.98
N GLU A 40 -42.28 25.27 -5.62
CA GLU A 40 -40.94 25.39 -5.05
C GLU A 40 -40.92 26.60 -4.13
N VAL A 41 -40.79 26.36 -2.83
CA VAL A 41 -40.78 27.42 -1.84
C VAL A 41 -39.34 27.70 -1.45
N VAL A 42 -38.90 28.95 -1.63
CA VAL A 42 -37.55 29.36 -1.25
C VAL A 42 -37.55 29.64 0.24
N LEU A 43 -36.80 28.85 1.00
CA LEU A 43 -36.75 29.06 2.44
C LEU A 43 -35.85 30.26 2.78
N GLU A 44 -36.21 30.96 3.84
CA GLU A 44 -35.55 32.21 4.20
C GLU A 44 -34.83 32.05 5.54
N ASN A 45 -33.65 32.66 5.65
CA ASN A 45 -32.82 32.60 6.84
C ASN A 45 -32.61 31.14 7.25
N VAL A 46 -32.29 30.29 6.28
CA VAL A 46 -32.23 28.85 6.47
C VAL A 46 -30.82 28.37 6.12
N THR A 47 -30.28 27.50 6.97
CA THR A 47 -28.98 26.90 6.76
C THR A 47 -29.04 25.44 7.21
N GLU A 48 -28.81 24.52 6.28
CA GLU A 48 -28.80 23.10 6.58
C GLU A 48 -27.57 22.45 5.96
N ASN A 49 -27.17 21.31 6.53
CA ASN A 49 -25.97 20.60 6.13
C ASN A 49 -26.33 19.47 5.18
N PHE A 50 -25.71 19.45 4.00
CA PHE A 50 -25.87 18.38 3.04
C PHE A 50 -24.60 17.54 2.98
N ASN A 51 -24.74 16.31 2.50
CA ASN A 51 -23.59 15.41 2.37
C ASN A 51 -23.87 14.46 1.20
N MET A 52 -23.42 14.87 0.01
CA MET A 52 -23.66 14.08 -1.19
C MET A 52 -23.09 12.66 -1.11
N TRP A 53 -22.08 12.45 -0.26
CA TRP A 53 -21.44 11.15 -0.17
C TRP A 53 -22.16 10.18 0.75
N LYS A 54 -23.08 10.67 1.58
CA LYS A 54 -23.94 9.83 2.39
C LYS A 54 -25.39 10.27 2.15
N ASN A 55 -25.89 9.97 0.96
CA ASN A 55 -27.24 10.34 0.54
C ASN A 55 -28.02 9.07 0.22
N ASN A 56 -29.04 8.78 1.02
CA ASN A 56 -29.85 7.59 0.79
C ASN A 56 -30.62 7.67 -0.53
N MET A 57 -30.83 8.87 -1.06
CA MET A 57 -31.45 8.99 -2.38
C MET A 57 -30.63 8.25 -3.43
N VAL A 58 -29.30 8.28 -3.30
CA VAL A 58 -28.45 7.61 -4.27
C VAL A 58 -28.70 6.10 -4.24
N GLU A 59 -28.69 5.51 -3.04
CA GLU A 59 -28.88 4.07 -2.92
C GLU A 59 -30.23 3.63 -3.46
N GLN A 60 -31.26 4.47 -3.29
CA GLN A 60 -32.59 4.14 -3.79
C GLN A 60 -32.65 4.18 -5.31
N MET A 61 -32.08 5.23 -5.91
CA MET A 61 -32.03 5.30 -7.36
C MET A 61 -31.21 4.14 -7.94
N HIS A 62 -30.15 3.74 -7.24
CA HIS A 62 -29.33 2.61 -7.68
C HIS A 62 -30.17 1.34 -7.80
N GLU A 63 -30.97 1.03 -6.77
CA GLU A 63 -31.81 -0.15 -6.82
C GLU A 63 -32.79 -0.10 -7.99
N ASP A 64 -33.22 1.10 -8.37
CA ASP A 64 -34.16 1.24 -9.49
C ASP A 64 -33.50 0.87 -10.81
N ILE A 65 -32.33 1.46 -11.10
CA ILE A 65 -31.71 1.27 -12.39
C ILE A 65 -31.15 -0.14 -12.52
N ILE A 66 -30.69 -0.73 -11.41
CA ILE A 66 -30.36 -2.16 -11.42
C ILE A 66 -31.59 -2.97 -11.80
N SER A 67 -32.71 -2.72 -11.11
CA SER A 67 -33.95 -3.43 -11.43
C SER A 67 -34.33 -3.23 -12.89
N LEU A 68 -34.23 -2.00 -13.38
CA LEU A 68 -34.53 -1.72 -14.78
C LEU A 68 -33.68 -2.60 -15.70
N TRP A 69 -32.36 -2.45 -15.60
CA TRP A 69 -31.46 -3.17 -16.50
C TRP A 69 -31.65 -4.68 -16.41
N ASP A 70 -31.92 -5.20 -15.21
CA ASP A 70 -32.01 -6.64 -15.03
C ASP A 70 -33.24 -7.24 -15.71
N GLN A 71 -34.32 -6.48 -15.82
CA GLN A 71 -35.52 -6.95 -16.51
C GLN A 71 -35.65 -6.39 -17.93
N SER A 72 -34.58 -5.80 -18.46
CA SER A 72 -34.64 -5.08 -19.72
C SER A 72 -33.66 -5.63 -20.76
N LEU A 73 -32.38 -5.66 -20.47
CA LEU A 73 -31.39 -6.10 -21.44
C LEU A 73 -31.29 -7.63 -21.41
N LYS A 74 -31.45 -8.25 -22.58
CA LYS A 74 -31.48 -9.70 -22.71
C LYS A 74 -30.17 -10.22 -23.28
N PRO A 75 -29.22 -10.66 -22.46
CA PRO A 75 -28.02 -11.27 -23.01
C PRO A 75 -28.26 -12.74 -23.35
N CYS A 76 -27.56 -13.21 -24.39
CA CYS A 76 -27.73 -14.59 -24.81
C CYS A 76 -27.28 -15.55 -23.72
N VAL A 77 -26.23 -15.20 -22.99
CA VAL A 77 -25.73 -16.01 -21.90
C VAL A 77 -25.29 -15.08 -20.77
N LYS A 78 -25.67 -15.42 -19.55
CA LYS A 78 -25.29 -14.66 -18.36
C LYS A 78 -24.56 -15.59 -17.41
N LEU A 79 -23.44 -15.12 -16.85
CA LEU A 79 -22.60 -15.89 -15.94
C LEU A 79 -22.56 -15.18 -14.60
N THR A 80 -23.24 -15.75 -13.60
CA THR A 80 -23.42 -15.11 -12.29
C THR A 80 -23.12 -16.13 -11.18
N GLY A 81 -21.84 -16.24 -10.83
CA GLY A 81 -21.40 -17.05 -9.71
C GLY A 81 -21.90 -18.48 -9.73
N GLY A 82 -21.21 -19.36 -10.48
CA GLY A 82 -21.59 -20.75 -10.57
C GLY A 82 -22.79 -21.00 -11.46
N SER A 83 -23.71 -20.05 -11.50
CA SER A 83 -24.88 -20.13 -12.36
C SER A 83 -24.54 -19.61 -13.75
N VAL A 84 -25.13 -20.23 -14.76
CA VAL A 84 -25.03 -19.77 -16.14
C VAL A 84 -26.40 -19.92 -16.80
N ILE A 85 -26.85 -18.86 -17.46
CA ILE A 85 -28.19 -18.79 -18.03
C ILE A 85 -28.07 -18.62 -19.54
N THR A 86 -28.93 -19.32 -20.28
CA THR A 86 -29.05 -19.14 -21.73
C THR A 86 -30.50 -18.82 -22.05
N GLN A 87 -30.72 -17.72 -22.76
CA GLN A 87 -32.06 -17.30 -23.14
C GLN A 87 -31.98 -16.60 -24.49
N ALA A 88 -33.16 -16.29 -25.04
CA ALA A 88 -33.20 -15.51 -26.27
C ALA A 88 -32.64 -14.12 -26.02
N CYS A 89 -31.97 -13.58 -27.03
CA CYS A 89 -31.34 -12.25 -26.95
C CYS A 89 -31.70 -11.42 -28.17
N PRO A 90 -32.91 -10.86 -28.20
CA PRO A 90 -33.26 -9.95 -29.29
C PRO A 90 -32.82 -8.53 -28.98
N LYS A 91 -32.65 -7.75 -30.04
CA LYS A 91 -32.29 -6.35 -29.89
C LYS A 91 -33.45 -5.58 -29.29
N ILE A 92 -33.11 -4.53 -28.54
CA ILE A 92 -34.09 -3.75 -27.81
C ILE A 92 -34.00 -2.29 -28.22
N SER A 93 -35.05 -1.55 -27.91
CA SER A 93 -35.07 -0.11 -28.10
C SER A 93 -34.63 0.54 -26.80
N PHE A 94 -33.52 1.27 -26.84
CA PHE A 94 -32.82 1.74 -25.65
C PHE A 94 -32.48 3.21 -25.79
N GLU A 95 -33.13 4.05 -24.98
CA GLU A 95 -32.78 5.46 -24.88
C GLU A 95 -33.30 6.03 -23.56
N PRO A 96 -32.42 6.32 -22.60
CA PRO A 96 -32.90 6.74 -21.27
C PRO A 96 -33.69 8.03 -21.29
N ILE A 97 -34.66 8.11 -20.41
CA ILE A 97 -35.55 9.27 -20.29
C ILE A 97 -35.31 9.88 -18.91
N PRO A 98 -35.74 11.13 -18.71
CA PRO A 98 -35.60 11.73 -17.38
C PRO A 98 -36.53 11.05 -16.37
N ILE A 99 -35.99 10.83 -15.17
CA ILE A 99 -36.73 10.24 -14.06
C ILE A 99 -36.64 11.18 -12.88
N HIS A 100 -37.78 11.68 -12.42
CA HIS A 100 -37.83 12.49 -11.21
C HIS A 100 -38.02 11.61 -9.98
N TYR A 101 -37.41 12.02 -8.87
CA TYR A 101 -37.55 11.30 -7.61
C TYR A 101 -38.29 12.19 -6.61
N CYS A 102 -39.29 11.63 -5.95
CA CYS A 102 -40.27 12.39 -5.18
C CYS A 102 -40.40 11.85 -3.77
N ALA A 103 -40.60 12.75 -2.81
CA ALA A 103 -40.83 12.42 -1.41
C ALA A 103 -42.29 12.03 -1.20
N PRO A 104 -42.55 10.99 -0.40
CA PRO A 104 -43.94 10.61 -0.10
C PRO A 104 -44.64 11.63 0.79
N ALA A 105 -45.92 11.39 1.11
CA ALA A 105 -46.65 12.30 1.98
C ALA A 105 -46.01 12.35 3.36
N GLY A 106 -45.91 13.55 3.92
CA GLY A 106 -45.27 13.74 5.20
C GLY A 106 -43.78 14.01 5.13
N PHE A 107 -43.18 13.97 3.95
CA PHE A 107 -41.76 14.25 3.76
C PHE A 107 -41.61 15.29 2.66
N ALA A 108 -40.39 15.77 2.50
CA ALA A 108 -40.08 16.73 1.45
C ALA A 108 -38.63 16.57 1.04
N ILE A 109 -38.25 17.29 -0.01
CA ILE A 109 -36.89 17.31 -0.50
C ILE A 109 -36.35 18.73 -0.38
N LEU A 110 -35.18 18.86 0.24
CA LEU A 110 -34.49 20.13 0.32
C LEU A 110 -33.44 20.21 -0.77
N LYS A 111 -33.47 21.31 -1.53
CA LYS A 111 -32.57 21.50 -2.66
C LYS A 111 -31.63 22.66 -2.32
N CYS A 112 -30.32 22.41 -2.36
CA CYS A 112 -29.32 23.42 -2.07
C CYS A 112 -29.03 24.24 -3.33
N ASN A 113 -29.25 25.55 -3.25
CA ASN A 113 -29.13 26.42 -4.41
C ASN A 113 -27.83 27.23 -4.42
N ASP A 114 -26.90 26.92 -3.53
CA ASP A 114 -25.59 27.56 -3.58
C ASP A 114 -24.82 27.06 -4.79
N LYS A 115 -24.39 27.99 -5.65
CA LYS A 115 -23.81 27.61 -6.92
C LYS A 115 -22.32 27.26 -6.83
N LYS A 116 -21.71 27.39 -5.65
CA LYS A 116 -20.36 26.91 -5.41
C LYS A 116 -20.33 25.84 -4.33
N PHE A 117 -21.46 25.17 -4.10
CA PHE A 117 -21.56 24.17 -3.06
C PHE A 117 -20.64 22.99 -3.36
N ASN A 118 -19.74 22.69 -2.43
CA ASN A 118 -18.66 21.74 -2.66
C ASN A 118 -19.05 20.30 -2.36
N GLY A 119 -20.29 20.04 -1.92
CA GLY A 119 -20.80 18.71 -1.72
C GLY A 119 -21.06 18.35 -0.26
N THR A 120 -20.30 18.93 0.66
CA THR A 120 -20.48 18.69 2.09
C THR A 120 -20.54 20.01 2.83
N GLY A 121 -21.21 20.01 3.98
CA GLY A 121 -21.25 21.17 4.83
C GLY A 121 -22.52 21.97 4.68
N PRO A 122 -22.53 23.17 5.26
CA PRO A 122 -23.76 23.97 5.28
C PRO A 122 -24.09 24.58 3.92
N CYS A 123 -25.38 24.89 3.75
CA CYS A 123 -25.90 25.57 2.57
C CYS A 123 -26.88 26.63 3.02
N THR A 124 -26.78 27.83 2.45
CA THR A 124 -27.56 28.99 2.92
C THR A 124 -28.76 29.33 2.04
N ASN A 125 -28.63 29.24 0.72
CA ASN A 125 -29.76 29.47 -0.19
C ASN A 125 -30.41 28.11 -0.46
N VAL A 126 -31.50 27.83 0.25
CA VAL A 126 -32.12 26.51 0.24
C VAL A 126 -33.55 26.61 -0.26
N SER A 127 -33.97 25.62 -1.06
CA SER A 127 -35.34 25.50 -1.52
C SER A 127 -35.93 24.19 -1.04
N THR A 128 -37.25 24.08 -1.11
CA THR A 128 -37.96 22.83 -0.86
C THR A 128 -38.85 22.53 -2.06
N VAL A 129 -38.75 21.30 -2.55
CA VAL A 129 -39.53 20.84 -3.69
C VAL A 129 -40.14 19.50 -3.31
N GLN A 130 -41.14 19.08 -4.10
CA GLN A 130 -41.65 17.73 -3.93
C GLN A 130 -40.84 16.70 -4.70
N CYS A 131 -40.32 17.06 -5.87
CA CYS A 131 -39.56 16.13 -6.70
C CYS A 131 -38.28 16.79 -7.18
N THR A 132 -37.30 15.95 -7.50
CA THR A 132 -36.07 16.43 -8.11
C THR A 132 -36.32 16.77 -9.58
N HIS A 133 -35.31 17.37 -10.19
CA HIS A 133 -35.32 17.56 -11.63
C HIS A 133 -35.29 16.21 -12.33
N GLY A 134 -35.66 16.21 -13.61
CA GLY A 134 -35.64 14.99 -14.40
C GLY A 134 -34.22 14.51 -14.64
N ILE A 135 -33.86 13.36 -14.08
CA ILE A 135 -32.51 12.82 -14.15
C ILE A 135 -32.50 11.67 -15.15
N ARG A 136 -31.64 11.77 -16.15
CA ARG A 136 -31.46 10.68 -17.10
C ARG A 136 -30.43 9.71 -16.54
N PRO A 137 -30.77 8.43 -16.34
CA PRO A 137 -29.84 7.48 -15.71
C PRO A 137 -28.86 6.86 -16.72
N VAL A 138 -27.93 7.69 -17.19
CA VAL A 138 -26.94 7.25 -18.18
C VAL A 138 -25.86 6.44 -17.48
N VAL A 139 -25.71 5.18 -17.88
CA VAL A 139 -24.68 4.31 -17.36
C VAL A 139 -23.42 4.51 -18.19
N SER A 140 -22.35 5.00 -17.55
CA SER A 140 -21.12 5.30 -18.26
C SER A 140 -19.95 5.27 -17.28
N THR A 141 -18.74 5.35 -17.83
CA THR A 141 -17.52 5.48 -17.04
C THR A 141 -16.68 6.61 -17.61
N GLN A 142 -15.76 7.12 -16.79
CA GLN A 142 -14.83 8.19 -17.14
C GLN A 142 -15.56 9.50 -17.41
N LEU A 143 -16.48 9.51 -18.36
CA LEU A 143 -17.25 10.70 -18.70
C LEU A 143 -18.69 10.55 -18.23
N LEU A 144 -19.22 11.63 -17.64
CA LEU A 144 -20.63 11.70 -17.27
C LEU A 144 -21.40 12.37 -18.40
N LEU A 145 -22.36 11.65 -18.98
CA LEU A 145 -23.05 12.10 -20.18
C LEU A 145 -24.48 12.54 -19.86
N ASN A 146 -24.95 13.53 -20.62
CA ASN A 146 -26.35 13.94 -20.62
C ASN A 146 -26.85 14.40 -19.25
N GLY A 147 -25.93 14.81 -18.38
CA GLY A 147 -26.28 15.24 -17.04
C GLY A 147 -26.68 16.70 -16.99
N SER A 148 -26.54 17.28 -15.80
CA SER A 148 -26.86 18.69 -15.57
C SER A 148 -25.59 19.45 -15.19
N LEU A 149 -25.46 20.66 -15.71
CA LEU A 149 -24.26 21.46 -15.55
C LEU A 149 -24.28 22.26 -14.25
N ALA A 150 -23.09 22.64 -13.79
CA ALA A 150 -23.00 23.67 -12.77
C ALA A 150 -23.47 25.00 -13.34
N GLU A 151 -23.98 25.85 -12.47
CA GLU A 151 -24.63 27.07 -12.94
C GLU A 151 -23.68 28.27 -13.03
N GLU A 152 -22.45 28.16 -12.53
CA GLU A 152 -21.50 29.24 -12.68
C GLU A 152 -20.14 28.73 -13.14
N GLU A 153 -19.27 28.35 -12.19
CA GLU A 153 -17.95 27.85 -12.53
C GLU A 153 -17.91 26.33 -12.38
N ILE A 154 -16.91 25.73 -13.03
CA ILE A 154 -16.66 24.30 -12.83
C ILE A 154 -16.36 24.05 -11.36
N VAL A 155 -16.91 22.96 -10.83
CA VAL A 155 -16.81 22.65 -9.42
C VAL A 155 -16.18 21.27 -9.27
N ILE A 156 -15.22 21.15 -8.37
CA ILE A 156 -14.59 19.89 -8.02
C ILE A 156 -15.22 19.38 -6.74
N ARG A 157 -15.65 18.12 -6.75
CA ARG A 157 -16.34 17.53 -5.61
C ARG A 157 -15.65 16.22 -5.23
N SER A 158 -15.38 16.06 -3.95
CA SER A 158 -14.77 14.85 -3.43
C SER A 158 -15.07 14.76 -1.94
N GLU A 159 -15.26 13.54 -1.44
CA GLU A 159 -15.45 13.35 -0.01
C GLU A 159 -14.23 13.84 0.77
N ASN A 160 -13.03 13.58 0.24
CA ASN A 160 -11.81 14.22 0.72
C ASN A 160 -10.84 14.27 -0.45
N ILE A 161 -10.53 15.48 -0.91
CA ILE A 161 -9.79 15.63 -2.15
C ILE A 161 -8.34 15.13 -2.00
N THR A 162 -7.77 15.23 -0.80
CA THR A 162 -6.40 14.78 -0.56
C THR A 162 -6.31 13.28 -0.23
N ASP A 163 -7.41 12.55 -0.36
CA ASP A 163 -7.46 11.10 -0.12
C ASP A 163 -7.58 10.42 -1.47
N ASN A 164 -6.49 9.78 -1.93
CA ASN A 164 -6.47 9.21 -3.27
C ASN A 164 -7.45 8.05 -3.42
N ALA A 165 -7.86 7.42 -2.32
CA ALA A 165 -8.84 6.34 -2.39
C ALA A 165 -10.25 6.82 -2.71
N LYS A 166 -10.50 8.12 -2.65
CA LYS A 166 -11.83 8.68 -2.84
C LYS A 166 -11.94 9.32 -4.21
N ILE A 167 -13.04 9.04 -4.92
CA ILE A 167 -13.21 9.51 -6.29
C ILE A 167 -13.44 11.01 -6.31
N ILE A 168 -13.12 11.62 -7.45
CA ILE A 168 -13.33 13.04 -7.70
C ILE A 168 -14.37 13.17 -8.80
N ILE A 169 -15.43 13.92 -8.53
CA ILE A 169 -16.50 14.15 -9.50
C ILE A 169 -16.39 15.60 -9.96
N VAL A 170 -16.01 15.79 -11.22
CA VAL A 170 -15.96 17.12 -11.82
C VAL A 170 -17.32 17.41 -12.45
N GLN A 171 -17.83 18.61 -12.23
CA GLN A 171 -19.07 19.06 -12.87
C GLN A 171 -18.79 20.31 -13.69
N LEU A 172 -19.01 20.21 -15.00
CA LEU A 172 -18.74 21.32 -15.90
C LEU A 172 -19.86 22.35 -15.87
N ASN A 173 -19.54 23.55 -16.37
CA ASN A 173 -20.54 24.59 -16.57
C ASN A 173 -20.81 24.86 -18.05
N GLU A 174 -20.09 24.20 -18.94
CA GLU A 174 -20.35 24.24 -20.38
C GLU A 174 -20.33 22.82 -20.92
N THR A 175 -21.23 22.54 -21.86
CA THR A 175 -21.28 21.22 -22.47
C THR A 175 -20.15 21.05 -23.47
N VAL A 176 -19.66 19.81 -23.58
CA VAL A 176 -18.66 19.42 -24.57
C VAL A 176 -19.25 18.25 -25.34
N GLU A 177 -19.58 18.48 -26.61
CA GLU A 177 -20.26 17.49 -27.42
C GLU A 177 -19.38 16.26 -27.68
N ILE A 178 -20.02 15.10 -27.83
CA ILE A 178 -19.33 13.86 -28.18
C ILE A 178 -20.21 13.08 -29.17
N ASN A 179 -19.83 13.08 -30.45
CA ASN A 179 -20.60 12.42 -31.51
C ASN A 179 -19.99 11.04 -31.77
N CYS A 180 -20.76 9.99 -31.49
CA CYS A 180 -20.26 8.62 -31.62
C CYS A 180 -20.99 7.93 -32.77
N THR A 181 -20.22 7.32 -33.68
CA THR A 181 -20.80 6.68 -34.85
C THR A 181 -20.17 5.32 -35.08
N ARG A 182 -21.00 4.32 -35.34
CA ARG A 182 -20.59 3.08 -35.98
C ARG A 182 -20.97 3.18 -37.45
N PRO A 183 -20.02 3.45 -38.34
CA PRO A 183 -20.39 3.71 -39.75
C PRO A 183 -20.96 2.47 -40.43
N ASN A 184 -22.05 2.68 -41.16
CA ASN A 184 -22.69 1.62 -41.92
C ASN A 184 -21.86 1.22 -43.15
N GLY A 192 -15.78 -3.40 -43.63
CA GLY A 192 -14.65 -3.80 -42.80
C GLY A 192 -15.06 -4.55 -41.55
N ASP A 193 -14.75 -3.99 -40.39
CA ASP A 193 -15.04 -4.61 -39.11
C ASP A 193 -16.29 -3.98 -38.50
N ILE A 194 -17.32 -4.80 -38.30
CA ILE A 194 -18.64 -4.32 -37.91
C ILE A 194 -18.66 -3.93 -36.43
N ARG A 195 -17.55 -4.16 -35.73
CA ARG A 195 -17.40 -3.77 -34.34
C ARG A 195 -16.58 -2.49 -34.18
N GLN A 196 -16.21 -1.85 -35.29
CA GLN A 196 -15.35 -0.68 -35.26
C GLN A 196 -16.20 0.59 -35.24
N ALA A 197 -15.85 1.53 -34.35
CA ALA A 197 -16.57 2.79 -34.24
C ALA A 197 -15.61 3.86 -33.74
N HIS A 198 -16.11 5.08 -33.64
CA HIS A 198 -15.30 6.21 -33.19
C HIS A 198 -16.22 7.32 -32.65
N CYS A 199 -15.61 8.21 -31.87
CA CYS A 199 -16.29 9.37 -31.28
C CYS A 199 -15.45 10.61 -31.53
N ASN A 200 -16.04 11.67 -32.08
CA ASN A 200 -15.32 12.91 -32.34
C ASN A 200 -15.62 13.91 -31.25
N ILE A 201 -14.59 14.62 -30.80
CA ILE A 201 -14.69 15.67 -29.78
C ILE A 201 -13.83 16.84 -30.22
N SER A 202 -14.36 18.05 -30.06
CA SER A 202 -13.65 19.25 -30.52
C SER A 202 -12.36 19.43 -29.73
N LYS A 203 -11.24 19.57 -30.46
CA LYS A 203 -9.94 19.69 -29.83
C LYS A 203 -9.84 20.96 -28.99
N ALA A 204 -10.21 22.10 -29.58
CA ALA A 204 -10.14 23.37 -28.86
C ALA A 204 -11.08 23.37 -27.65
N LYS A 205 -12.33 22.93 -27.86
CA LYS A 205 -13.30 22.94 -26.78
C LYS A 205 -12.85 22.09 -25.61
N TRP A 206 -12.31 20.90 -25.89
CA TRP A 206 -11.87 20.01 -24.83
C TRP A 206 -10.62 20.55 -24.13
N GLU A 207 -9.65 21.02 -24.90
CA GLU A 207 -8.41 21.50 -24.28
C GLU A 207 -8.65 22.76 -23.46
N ASN A 208 -9.55 23.64 -23.91
CA ASN A 208 -9.93 24.78 -23.09
C ASN A 208 -10.62 24.35 -21.80
N THR A 209 -11.37 23.25 -21.85
CA THR A 209 -12.02 22.75 -20.66
C THR A 209 -11.00 22.18 -19.67
N LEU A 210 -10.00 21.47 -20.17
CA LEU A 210 -8.97 20.93 -19.28
C LEU A 210 -8.21 22.04 -18.57
N LYS A 211 -7.98 23.15 -19.26
CA LYS A 211 -7.33 24.30 -18.63
C LYS A 211 -8.11 24.75 -17.41
N GLN A 212 -9.41 24.96 -17.57
CA GLN A 212 -10.22 25.44 -16.45
C GLN A 212 -10.35 24.39 -15.36
N ILE A 213 -10.37 23.11 -15.72
CA ILE A 213 -10.44 22.06 -14.70
C ILE A 213 -9.17 22.04 -13.88
N ALA A 214 -8.01 22.14 -14.54
CA ALA A 214 -6.75 22.19 -13.82
C ALA A 214 -6.74 23.33 -12.81
N ARG A 215 -7.25 24.50 -13.21
CA ARG A 215 -7.27 25.64 -12.30
C ARG A 215 -8.11 25.35 -11.06
N LYS A 216 -9.26 24.70 -11.23
CA LYS A 216 -10.09 24.37 -10.08
C LYS A 216 -9.42 23.30 -9.22
N LEU A 217 -8.74 22.34 -9.86
CA LEU A 217 -7.95 21.36 -9.12
C LEU A 217 -6.75 22.03 -8.46
N ARG A 218 -6.20 23.06 -9.08
CA ARG A 218 -5.06 23.76 -8.51
C ARG A 218 -5.41 24.46 -7.21
N GLU A 219 -6.70 24.72 -6.96
CA GLU A 219 -7.06 25.44 -5.74
C GLU A 219 -6.88 24.57 -4.49
N HIS A 220 -6.99 23.25 -4.64
CA HIS A 220 -6.78 22.33 -3.53
C HIS A 220 -5.35 21.79 -3.49
N PHE A 221 -4.55 22.05 -4.52
CA PHE A 221 -3.14 21.74 -4.55
C PHE A 221 -2.45 23.01 -5.05
N LYS A 222 -2.32 24.00 -4.17
CA LYS A 222 -1.87 25.32 -4.60
C LYS A 222 -0.45 25.25 -5.13
N ASN A 223 -0.15 26.12 -6.10
CA ASN A 223 0.95 25.93 -7.05
C ASN A 223 0.73 24.53 -7.66
N GLU A 224 1.73 23.66 -7.68
CA GLU A 224 1.57 22.28 -8.15
C GLU A 224 1.22 22.19 -9.64
N THR A 225 1.89 21.32 -10.36
CA THR A 225 1.55 21.07 -11.76
C THR A 225 0.45 20.01 -11.82
N ILE A 226 -0.62 20.32 -12.53
CA ILE A 226 -1.73 19.39 -12.69
C ILE A 226 -1.53 18.62 -13.99
N ALA A 227 -1.69 17.30 -13.91
CA ALA A 227 -1.47 16.44 -15.07
C ALA A 227 -2.66 15.48 -15.23
N PHE A 228 -3.03 15.25 -16.49
CA PHE A 228 -4.04 14.27 -16.84
C PHE A 228 -3.37 13.13 -17.60
N ASN A 229 -3.63 11.90 -17.17
CA ASN A 229 -2.96 10.72 -17.69
C ASN A 229 -3.98 9.61 -17.87
N GLN A 230 -3.64 8.64 -18.72
CA GLN A 230 -4.57 7.57 -19.04
C GLN A 230 -4.75 6.62 -17.87
N SER A 231 -5.81 5.82 -17.94
CA SER A 231 -6.13 4.87 -16.87
C SER A 231 -4.96 3.93 -16.60
N SER A 232 -4.74 3.63 -15.32
CA SER A 232 -3.60 2.81 -14.90
C SER A 232 -3.85 1.32 -15.02
N GLY A 233 -5.09 0.91 -15.26
CA GLY A 233 -5.39 -0.51 -15.37
C GLY A 233 -6.83 -0.77 -14.99
N GLY A 234 -7.17 -2.05 -15.00
CA GLY A 234 -8.51 -2.51 -14.68
C GLY A 234 -9.19 -3.13 -15.89
N ASP A 235 -10.44 -3.53 -15.68
CA ASP A 235 -11.22 -4.15 -16.72
C ASP A 235 -11.48 -3.15 -17.86
N PRO A 236 -11.83 -3.65 -19.05
CA PRO A 236 -12.07 -2.74 -20.18
C PRO A 236 -13.12 -1.67 -19.91
N GLU A 237 -14.08 -1.94 -19.04
CA GLU A 237 -15.17 -1.00 -18.78
C GLU A 237 -14.69 0.28 -18.12
N ILE A 238 -13.53 0.26 -17.45
CA ILE A 238 -13.03 1.45 -16.79
C ILE A 238 -11.72 1.97 -17.39
N VAL A 239 -10.92 1.15 -18.08
CA VAL A 239 -9.76 1.69 -18.76
C VAL A 239 -10.19 2.47 -20.00
N MET A 240 -11.36 2.14 -20.54
CA MET A 240 -11.91 2.83 -21.69
C MET A 240 -13.22 3.49 -21.30
N HIS A 241 -13.45 4.68 -21.86
CA HIS A 241 -14.73 5.36 -21.72
C HIS A 241 -15.83 4.43 -22.22
N SER A 242 -16.59 3.86 -21.29
CA SER A 242 -17.59 2.86 -21.60
C SER A 242 -18.99 3.44 -21.45
N PHE A 243 -19.87 3.12 -22.41
CA PHE A 243 -21.24 3.63 -22.38
C PHE A 243 -22.08 2.79 -23.34
N ASN A 244 -23.39 2.93 -23.21
CA ASN A 244 -24.36 2.19 -24.02
C ASN A 244 -25.05 3.15 -24.97
N CYS A 245 -25.09 2.78 -26.26
CA CYS A 245 -25.70 3.60 -27.30
C CYS A 245 -26.62 2.74 -28.14
N GLY A 246 -27.94 2.96 -28.01
CA GLY A 246 -28.91 2.20 -28.77
C GLY A 246 -28.98 0.74 -28.43
N GLY A 247 -28.59 0.36 -27.21
CA GLY A 247 -28.56 -1.03 -26.80
C GLY A 247 -27.22 -1.71 -27.00
N GLU A 248 -26.28 -1.09 -27.70
CA GLU A 248 -24.97 -1.67 -27.96
C GLU A 248 -23.94 -1.05 -27.03
N PHE A 249 -23.00 -1.87 -26.57
CA PHE A 249 -22.01 -1.46 -25.58
C PHE A 249 -20.77 -0.93 -26.29
N PHE A 250 -20.50 0.36 -26.14
CA PHE A 250 -19.34 1.01 -26.75
C PHE A 250 -18.17 1.04 -25.77
N TYR A 251 -16.96 0.86 -26.30
CA TYR A 251 -15.74 0.93 -25.51
C TYR A 251 -14.73 1.80 -26.27
N CYS A 252 -14.45 2.99 -25.76
CA CYS A 252 -13.65 3.98 -26.46
C CYS A 252 -12.33 4.21 -25.75
N ASN A 253 -11.22 4.04 -26.48
CA ASN A 253 -9.89 4.39 -25.97
C ASN A 253 -9.84 5.89 -25.75
N SER A 254 -9.73 6.31 -24.48
CA SER A 254 -9.78 7.72 -24.13
C SER A 254 -8.41 8.33 -23.90
N THR A 255 -7.33 7.62 -24.27
CA THR A 255 -5.97 8.11 -24.02
C THR A 255 -5.76 9.52 -24.57
N GLN A 256 -6.32 9.81 -25.75
CA GLN A 256 -6.11 11.11 -26.37
C GLN A 256 -6.68 12.26 -25.56
N LEU A 257 -7.58 12.01 -24.63
CA LEU A 257 -8.15 13.08 -23.82
C LEU A 257 -7.49 13.20 -22.45
N PHE A 258 -6.63 12.26 -22.07
CA PHE A 258 -5.91 12.31 -20.78
C PHE A 258 -4.43 12.08 -21.09
N ASN A 259 -3.77 13.14 -21.56
CA ASN A 259 -2.39 13.06 -22.00
C ASN A 259 -1.81 14.46 -22.10
N SER A 260 -1.79 15.18 -20.98
CA SER A 260 -1.36 16.58 -20.99
C SER A 260 -0.97 16.99 -19.58
N THR A 261 -0.07 17.96 -19.49
CA THR A 261 0.35 18.55 -18.23
C THR A 261 0.06 20.05 -18.23
N TRP A 262 -0.28 20.59 -17.07
CA TRP A 262 -0.64 22.00 -16.93
C TRP A 262 0.04 22.57 -15.69
N THR A 263 0.84 23.60 -15.88
CA THR A 263 1.50 24.30 -14.78
C THR A 263 0.86 25.67 -14.59
N TRP A 264 1.26 26.36 -13.52
CA TRP A 264 0.75 27.72 -13.29
C TRP A 264 1.39 28.69 -14.28
N ASN A 265 1.25 28.38 -15.57
CA ASN A 265 1.74 29.22 -16.66
C ASN A 265 1.17 28.65 -17.95
N ASP A 266 0.76 27.37 -17.89
CA ASP A 266 0.01 26.76 -18.99
C ASP A 266 -1.44 27.23 -19.04
N THR A 267 -1.95 27.78 -17.93
CA THR A 267 -3.27 28.40 -17.91
C THR A 267 -3.15 29.85 -18.38
N GLU A 268 -2.90 29.99 -19.70
CA GLU A 268 -2.47 31.28 -20.24
C GLU A 268 -2.53 31.38 -21.77
N VAL A 269 -3.73 31.26 -22.35
CA VAL A 269 -3.95 31.55 -23.77
C VAL A 269 -5.33 32.15 -23.97
N ASN A 276 -13.25 23.97 -36.00
CA ASN A 276 -11.85 23.62 -36.20
C ASN A 276 -11.67 22.11 -36.36
N ILE A 277 -10.74 21.54 -35.58
CA ILE A 277 -10.34 20.15 -35.73
C ILE A 277 -10.96 19.30 -34.62
N ASN A 278 -11.15 18.02 -34.91
CA ASN A 278 -11.73 17.07 -33.98
C ASN A 278 -10.65 16.27 -33.26
N ILE A 279 -11.05 15.62 -32.17
CA ILE A 279 -10.30 14.53 -31.54
C ILE A 279 -11.19 13.30 -31.63
N THR A 280 -10.77 12.30 -32.40
CA THR A 280 -11.60 11.13 -32.67
C THR A 280 -10.95 9.92 -32.02
N LEU A 281 -11.66 9.33 -31.05
CA LEU A 281 -11.14 8.18 -30.30
C LEU A 281 -11.56 6.89 -30.99
N PRO A 282 -10.67 5.92 -31.13
CA PRO A 282 -11.09 4.61 -31.65
C PRO A 282 -11.95 3.89 -30.62
N CYS A 283 -13.02 3.26 -31.11
CA CYS A 283 -13.98 2.59 -30.26
C CYS A 283 -14.30 1.20 -30.78
N ARG A 284 -14.73 0.32 -29.88
CA ARG A 284 -15.19 -1.02 -30.20
C ARG A 284 -16.57 -1.23 -29.60
N ILE A 285 -17.43 -1.93 -30.33
CA ILE A 285 -18.72 -2.38 -29.82
C ILE A 285 -18.51 -3.83 -29.37
N LYS A 286 -18.43 -4.04 -28.07
CA LYS A 286 -18.18 -5.36 -27.52
C LYS A 286 -19.48 -6.11 -27.28
N GLN A 287 -19.45 -7.42 -27.49
CA GLN A 287 -20.55 -8.30 -27.15
C GLN A 287 -20.38 -8.97 -25.79
N ILE A 288 -19.14 -9.15 -25.35
CA ILE A 288 -18.84 -9.74 -24.05
C ILE A 288 -18.55 -8.60 -23.09
N ILE A 289 -19.45 -8.36 -22.15
CA ILE A 289 -19.36 -7.23 -21.24
C ILE A 289 -19.23 -7.72 -19.81
N ASN A 290 -18.57 -6.92 -18.99
CA ASN A 290 -18.45 -7.17 -17.56
C ASN A 290 -19.51 -6.35 -16.85
N MET A 291 -20.47 -7.02 -16.23
CA MET A 291 -21.62 -6.35 -15.68
C MET A 291 -21.24 -5.41 -14.54
N TRP A 292 -21.97 -4.30 -14.44
CA TRP A 292 -21.79 -3.35 -13.36
C TRP A 292 -22.79 -3.54 -12.24
N GLN A 293 -23.96 -4.11 -12.52
CA GLN A 293 -24.98 -4.30 -11.48
C GLN A 293 -24.53 -5.35 -10.47
N GLU A 294 -24.07 -6.49 -10.96
CA GLU A 294 -23.51 -7.55 -10.13
C GLU A 294 -22.20 -8.00 -10.77
N VAL A 295 -21.42 -8.76 -10.01
CA VAL A 295 -20.22 -9.34 -10.59
C VAL A 295 -20.63 -10.49 -11.50
N GLY A 296 -20.24 -10.40 -12.76
CA GLY A 296 -20.64 -11.40 -13.73
C GLY A 296 -20.40 -10.91 -15.14
N LYS A 297 -20.48 -11.86 -16.07
CA LYS A 297 -20.18 -11.63 -17.47
C LYS A 297 -21.40 -11.95 -18.32
N ALA A 298 -21.72 -11.06 -19.26
CA ALA A 298 -22.86 -11.22 -20.15
C ALA A 298 -22.40 -11.08 -21.58
N MET A 299 -22.85 -11.98 -22.44
CA MET A 299 -22.55 -11.96 -23.87
C MET A 299 -23.83 -11.62 -24.64
N TYR A 300 -23.77 -10.55 -25.42
CA TYR A 300 -24.89 -10.09 -26.22
C TYR A 300 -24.65 -10.43 -27.69
N ALA A 301 -25.66 -10.16 -28.52
CA ALA A 301 -25.58 -10.46 -29.93
C ALA A 301 -24.73 -9.43 -30.66
N PRO A 302 -24.20 -9.78 -31.84
CA PRO A 302 -23.46 -8.82 -32.65
C PRO A 302 -24.31 -7.61 -32.98
N PRO A 303 -23.69 -6.49 -33.35
CA PRO A 303 -24.45 -5.24 -33.48
C PRO A 303 -25.48 -5.28 -34.59
N ILE A 304 -26.47 -4.38 -34.47
CA ILE A 304 -27.43 -4.20 -35.54
C ILE A 304 -26.73 -3.62 -36.77
N LYS A 305 -27.34 -3.81 -37.92
CA LYS A 305 -26.83 -3.21 -39.15
C LYS A 305 -27.45 -1.83 -39.34
N GLY A 306 -26.72 -0.96 -40.03
CA GLY A 306 -27.08 0.43 -40.13
C GLY A 306 -26.20 1.30 -39.25
N GLN A 307 -26.27 2.59 -39.52
CA GLN A 307 -25.50 3.56 -38.73
C GLN A 307 -25.98 3.56 -37.29
N ILE A 308 -25.03 3.56 -36.36
CA ILE A 308 -25.32 3.62 -34.93
C ILE A 308 -24.74 4.94 -34.44
N ARG A 309 -25.57 5.96 -34.37
CA ARG A 309 -25.13 7.31 -34.02
C ARG A 309 -25.87 7.78 -32.77
N CYS A 310 -25.13 8.38 -31.85
CA CYS A 310 -25.72 9.09 -30.72
C CYS A 310 -24.72 10.16 -30.27
N SER A 311 -25.17 11.41 -30.26
CA SER A 311 -24.36 12.54 -29.84
C SER A 311 -24.81 12.97 -28.45
N SER A 312 -23.97 12.70 -27.45
CA SER A 312 -24.27 12.98 -26.06
C SER A 312 -23.54 14.26 -25.63
N ASN A 313 -23.90 14.77 -24.45
CA ASN A 313 -23.28 15.96 -23.88
C ASN A 313 -22.40 15.55 -22.70
N ILE A 314 -21.11 15.82 -22.79
CA ILE A 314 -20.22 15.63 -21.65
C ILE A 314 -20.43 16.78 -20.68
N THR A 315 -20.92 16.46 -19.48
CA THR A 315 -21.16 17.45 -18.44
C THR A 315 -20.41 17.16 -17.15
N GLY A 316 -19.67 16.06 -17.09
CA GLY A 316 -18.94 15.70 -15.89
C GLY A 316 -17.82 14.73 -16.18
N LEU A 317 -16.90 14.64 -15.22
CA LEU A 317 -15.76 13.73 -15.31
C LEU A 317 -15.60 13.00 -13.99
N LEU A 318 -15.16 11.75 -14.08
CA LEU A 318 -14.84 10.94 -12.90
C LEU A 318 -13.33 10.69 -12.90
N LEU A 319 -12.65 11.20 -11.86
CA LEU A 319 -11.20 11.19 -11.81
C LEU A 319 -10.70 10.51 -10.55
N THR A 320 -9.53 9.87 -10.67
CA THR A 320 -8.82 9.28 -9.54
C THR A 320 -7.38 9.80 -9.52
N ARG A 321 -6.96 10.37 -8.39
CA ARG A 321 -5.64 10.97 -8.25
C ARG A 321 -4.61 9.95 -7.81
N ASP A 322 -3.44 9.98 -8.46
CA ASP A 322 -2.34 9.09 -8.09
C ASP A 322 -1.76 9.49 -6.75
N GLY A 323 -1.57 8.51 -5.87
CA GLY A 323 -0.98 8.73 -4.57
C GLY A 323 0.51 8.40 -4.55
N GLY A 324 1.11 8.63 -3.39
CA GLY A 324 2.51 8.35 -3.20
C GLY A 324 3.38 9.57 -3.37
N SER A 325 4.54 9.55 -2.73
CA SER A 325 5.48 10.67 -2.82
C SER A 325 6.04 10.74 -4.23
N SER A 326 5.64 11.77 -4.97
CA SER A 326 6.19 12.00 -6.30
C SER A 326 7.67 12.35 -6.18
N THR A 327 8.54 11.53 -6.77
CA THR A 327 9.98 11.70 -6.64
C THR A 327 10.52 12.85 -7.49
N ASN A 328 9.69 13.45 -8.36
CA ASN A 328 10.10 14.66 -9.06
C ASN A 328 10.20 15.83 -8.09
N GLY A 329 9.10 16.11 -7.38
CA GLY A 329 9.04 17.20 -6.43
C GLY A 329 7.60 17.55 -6.11
N THR A 330 6.87 18.03 -7.11
CA THR A 330 5.48 18.44 -6.87
C THR A 330 4.73 18.41 -8.21
N THR A 331 3.93 17.36 -8.41
CA THR A 331 3.07 17.24 -9.58
C THR A 331 1.97 16.24 -9.26
N GLU A 332 0.72 16.66 -9.43
CA GLU A 332 -0.43 15.82 -9.17
C GLU A 332 -0.98 15.29 -10.49
N THR A 333 -1.26 13.99 -10.53
CA THR A 333 -1.70 13.30 -11.73
C THR A 333 -3.11 12.77 -11.52
N PHE A 334 -4.00 13.03 -12.47
CA PHE A 334 -5.40 12.63 -12.37
C PHE A 334 -5.76 11.73 -13.55
N ARG A 335 -6.36 10.58 -13.26
CA ARG A 335 -6.71 9.62 -14.27
C ARG A 335 -8.22 9.37 -14.28
N PRO A 336 -8.79 9.02 -15.44
CA PRO A 336 -10.24 8.77 -15.49
C PRO A 336 -10.61 7.55 -14.67
N GLY A 337 -11.60 7.72 -13.79
CA GLY A 337 -12.07 6.64 -12.94
C GLY A 337 -13.45 6.16 -13.32
N GLY A 338 -14.29 5.89 -12.33
CA GLY A 338 -15.64 5.40 -12.55
C GLY A 338 -15.75 3.92 -12.27
N GLY A 339 -16.95 3.40 -12.53
CA GLY A 339 -17.22 2.00 -12.28
C GLY A 339 -18.37 1.79 -11.32
N ASP A 340 -18.32 2.47 -10.17
CA ASP A 340 -19.42 2.46 -9.21
C ASP A 340 -20.45 3.46 -9.71
N MET A 341 -21.56 2.97 -10.24
CA MET A 341 -22.54 3.85 -10.84
C MET A 341 -23.28 4.71 -9.82
N ARG A 342 -23.10 4.43 -8.53
CA ARG A 342 -23.63 5.33 -7.51
C ARG A 342 -23.05 6.73 -7.65
N ASP A 343 -21.81 6.84 -8.12
CA ASP A 343 -21.22 8.16 -8.33
C ASP A 343 -21.89 8.88 -9.50
N ASN A 344 -22.40 8.14 -10.48
CA ASN A 344 -23.13 8.76 -11.58
C ASN A 344 -24.42 9.40 -11.08
N TRP A 345 -25.22 8.65 -10.32
CA TRP A 345 -26.41 9.25 -9.72
C TRP A 345 -26.02 10.34 -8.72
N ARG A 346 -24.90 10.17 -8.03
CA ARG A 346 -24.44 11.17 -7.08
C ARG A 346 -24.24 12.52 -7.75
N SER A 347 -23.71 12.52 -8.97
CA SER A 347 -23.43 13.77 -9.68
C SER A 347 -24.71 14.54 -9.99
N GLU A 348 -25.86 13.89 -9.93
CA GLU A 348 -27.14 14.55 -10.12
C GLU A 348 -27.91 14.77 -8.82
N LEU A 349 -27.68 13.95 -7.81
CA LEU A 349 -28.44 14.00 -6.56
C LEU A 349 -27.72 14.76 -5.46
N TYR A 350 -26.61 15.42 -5.77
CA TYR A 350 -25.82 16.06 -4.73
C TYR A 350 -26.58 17.23 -4.09
N LYS A 351 -27.49 17.86 -4.83
CA LYS A 351 -28.19 19.04 -4.35
C LYS A 351 -29.29 18.72 -3.36
N TYR A 352 -29.76 17.48 -3.29
CA TYR A 352 -31.00 17.12 -2.63
C TYR A 352 -30.78 16.27 -1.39
N LYS A 353 -31.74 16.35 -0.47
CA LYS A 353 -31.83 15.43 0.65
C LYS A 353 -33.27 15.37 1.14
N VAL A 354 -33.64 14.23 1.70
CA VAL A 354 -35.02 13.98 2.11
C VAL A 354 -35.19 14.33 3.58
N VAL A 355 -36.26 15.04 3.89
CA VAL A 355 -36.51 15.55 5.23
C VAL A 355 -37.97 15.30 5.60
N LYS A 356 -38.20 14.83 6.82
CA LYS A 356 -39.56 14.66 7.31
C LYS A 356 -40.14 16.02 7.68
N ILE A 357 -41.35 16.28 7.18
CA ILE A 357 -42.00 17.57 7.40
C ILE A 357 -42.28 17.75 8.87
N GLU A 358 -41.59 18.71 9.51
CA GLU A 358 -41.75 18.99 10.94
C GLU A 358 -41.62 20.48 11.23
N GLN B 1 -13.89 -14.99 10.38
CA GLN B 1 -12.65 -14.30 10.73
C GLN B 1 -11.86 -13.90 9.47
N VAL B 2 -11.54 -12.61 9.37
CA VAL B 2 -10.83 -12.10 8.20
C VAL B 2 -9.42 -12.67 8.17
N GLN B 3 -9.06 -13.31 7.06
CA GLN B 3 -7.76 -13.92 6.92
C GLN B 3 -7.13 -13.51 5.58
N LEU B 4 -5.88 -13.06 5.65
CA LEU B 4 -5.08 -12.74 4.47
C LEU B 4 -3.88 -13.68 4.45
N VAL B 5 -3.88 -14.63 3.54
CA VAL B 5 -2.80 -15.61 3.42
C VAL B 5 -2.03 -15.32 2.15
N GLN B 6 -0.73 -15.16 2.27
CA GLN B 6 0.14 -14.86 1.13
C GLN B 6 0.91 -16.11 0.71
N SER B 7 1.59 -15.99 -0.42
CA SER B 7 2.38 -17.08 -0.98
C SER B 7 3.75 -17.15 -0.32
N GLY B 8 4.47 -18.23 -0.62
CA GLY B 8 5.73 -18.52 0.02
C GLY B 8 6.85 -17.59 -0.41
N PRO B 9 8.00 -17.71 0.25
CA PRO B 9 9.13 -16.83 -0.07
C PRO B 9 9.75 -17.18 -1.42
N GLU B 10 10.24 -16.15 -2.11
CA GLU B 10 10.78 -16.30 -3.44
C GLU B 10 12.19 -15.72 -3.51
N VAL B 11 13.06 -16.39 -4.25
CA VAL B 11 14.41 -15.91 -4.54
C VAL B 11 14.50 -15.65 -6.04
N ARG B 12 14.97 -14.46 -6.41
CA ARG B 12 15.03 -14.06 -7.81
C ARG B 12 16.37 -13.37 -8.07
N ALA B 13 16.77 -13.41 -9.33
CA ALA B 13 17.99 -12.74 -9.77
C ALA B 13 17.66 -11.33 -10.23
N PRO B 14 18.63 -10.42 -10.20
CA PRO B 14 18.39 -9.06 -10.70
C PRO B 14 17.84 -9.08 -12.12
N GLY B 15 16.84 -8.24 -12.37
CA GLY B 15 16.20 -8.17 -13.65
C GLY B 15 15.02 -9.11 -13.84
N ALA B 16 14.89 -10.14 -13.01
CA ALA B 16 13.77 -11.06 -13.11
C ALA B 16 12.51 -10.43 -12.53
N SER B 17 11.39 -11.14 -12.65
CA SER B 17 10.11 -10.70 -12.13
C SER B 17 9.66 -11.60 -11.00
N VAL B 18 8.68 -11.12 -10.22
CA VAL B 18 8.12 -11.87 -9.11
C VAL B 18 6.64 -11.55 -9.01
N THR B 19 5.83 -12.56 -8.69
CA THR B 19 4.41 -12.37 -8.48
C THR B 19 4.03 -12.92 -7.11
N VAL B 20 3.23 -12.17 -6.36
CA VAL B 20 2.81 -12.53 -5.01
C VAL B 20 1.30 -12.61 -4.97
N SER B 21 0.79 -13.68 -4.38
CA SER B 21 -0.65 -13.90 -4.26
C SER B 21 -1.11 -13.64 -2.82
N CYS B 22 -2.36 -13.18 -2.69
CA CYS B 22 -2.99 -12.99 -1.38
C CYS B 22 -4.35 -13.67 -1.40
N LYS B 23 -4.44 -14.84 -0.78
CA LYS B 23 -5.71 -15.55 -0.66
C LYS B 23 -6.51 -14.99 0.50
N THR B 24 -7.78 -14.67 0.24
CA THR B 24 -8.63 -13.94 1.17
C THR B 24 -9.81 -14.80 1.62
N SER B 25 -10.10 -14.78 2.91
CA SER B 25 -11.27 -15.45 3.45
C SER B 25 -11.88 -14.59 4.55
N GLY B 26 -13.11 -14.94 4.94
CA GLY B 26 -13.72 -14.36 6.11
C GLY B 26 -14.63 -13.17 5.87
N TYR B 27 -14.77 -12.70 4.64
CA TYR B 27 -15.61 -11.54 4.36
C TYR B 27 -15.97 -11.52 2.87
N SER B 28 -16.69 -10.48 2.47
CA SER B 28 -17.16 -10.33 1.10
C SER B 28 -16.06 -9.62 0.30
N PHE B 29 -15.40 -10.37 -0.59
CA PHE B 29 -14.16 -9.93 -1.20
C PHE B 29 -14.31 -8.61 -1.94
N THR B 30 -15.44 -8.42 -2.62
CA THR B 30 -15.60 -7.29 -3.52
C THR B 30 -15.95 -5.98 -2.81
N ASP B 31 -15.97 -5.94 -1.48
CA ASP B 31 -16.41 -4.76 -0.75
C ASP B 31 -15.26 -4.00 -0.10
N PHE B 32 -14.02 -4.47 -0.22
CA PHE B 32 -12.86 -3.86 0.40
C PHE B 32 -11.74 -3.74 -0.62
N PHE B 33 -11.03 -2.61 -0.59
CA PHE B 33 -9.78 -2.50 -1.34
C PHE B 33 -8.75 -3.49 -0.79
N ILE B 34 -7.69 -3.69 -1.57
CA ILE B 34 -6.53 -4.47 -1.14
C ILE B 34 -5.30 -3.63 -1.43
N HIS B 35 -4.54 -3.29 -0.40
CA HIS B 35 -3.29 -2.54 -0.56
C HIS B 35 -2.10 -3.46 -0.43
N TRP B 36 -0.97 -3.00 -0.96
CA TRP B 36 0.30 -3.72 -0.84
C TRP B 36 1.35 -2.78 -0.26
N VAL B 37 2.05 -3.25 0.77
CA VAL B 37 3.03 -2.46 1.50
C VAL B 37 4.37 -3.17 1.42
N ARG B 38 5.41 -2.41 1.12
CA ARG B 38 6.78 -2.93 1.06
C ARG B 38 7.49 -2.63 2.38
N GLN B 39 8.25 -3.61 2.87
CA GLN B 39 8.97 -3.51 4.14
C GLN B 39 10.42 -3.92 3.90
N ALA B 40 11.29 -2.92 3.69
CA ALA B 40 12.71 -3.11 3.48
C ALA B 40 13.48 -2.98 4.79
N PRO B 41 14.69 -3.56 4.88
CA PRO B 41 15.38 -3.60 6.18
C PRO B 41 15.65 -2.23 6.79
N GLY B 42 16.01 -1.24 5.98
CA GLY B 42 16.28 0.09 6.52
C GLY B 42 15.42 1.17 5.92
N GLN B 43 14.29 0.80 5.31
CA GLN B 43 13.41 1.76 4.66
C GLN B 43 12.01 1.79 5.28
N GLY B 44 11.71 0.89 6.22
CA GLY B 44 10.54 0.96 7.08
C GLY B 44 9.20 1.34 6.50
N LEU B 45 8.49 0.36 5.92
CA LEU B 45 7.09 0.47 5.53
C LEU B 45 6.82 1.50 4.44
N GLU B 46 6.38 1.02 3.27
CA GLU B 46 6.10 1.91 2.15
C GLU B 46 4.90 1.38 1.37
N TRP B 47 3.93 2.26 1.14
CA TRP B 47 2.75 1.92 0.36
C TRP B 47 3.10 1.85 -1.12
N MET B 48 2.59 0.83 -1.80
CA MET B 48 2.86 0.63 -3.21
C MET B 48 1.65 0.83 -4.11
N GLY B 49 0.45 0.54 -3.63
CA GLY B 49 -0.73 0.69 -4.45
C GLY B 49 -1.90 -0.08 -3.87
N TRP B 50 -3.09 0.21 -4.41
CA TRP B 50 -4.28 -0.53 -4.06
C TRP B 50 -5.01 -0.99 -5.32
N LEU B 51 -5.82 -2.03 -5.16
CA LEU B 51 -6.68 -2.55 -6.20
C LEU B 51 -8.11 -2.59 -5.68
N ASN B 52 -9.03 -1.98 -6.42
CA ASN B 52 -10.45 -2.11 -6.12
C ASN B 52 -10.98 -3.36 -6.82
N PRO B 53 -11.45 -4.37 -6.09
CA PRO B 53 -11.99 -5.57 -6.75
C PRO B 53 -13.21 -5.29 -7.64
N ILE B 54 -13.93 -4.19 -7.43
CA ILE B 54 -14.98 -3.81 -8.37
C ILE B 54 -14.30 -3.39 -9.67
N PHE B 55 -14.47 -4.20 -10.71
CA PHE B 55 -13.61 -4.14 -11.90
C PHE B 55 -12.17 -4.29 -11.39
N GLY B 56 -11.18 -3.75 -12.09
CA GLY B 56 -9.83 -3.95 -11.61
C GLY B 56 -9.11 -2.66 -11.30
N ALA B 57 -9.86 -1.66 -10.82
CA ALA B 57 -9.30 -0.32 -10.65
C ALA B 57 -8.09 -0.36 -9.72
N VAL B 58 -7.06 0.40 -10.08
CA VAL B 58 -5.83 0.41 -9.31
C VAL B 58 -5.36 1.85 -9.12
N ASN B 59 -4.50 2.03 -8.11
CA ASN B 59 -3.79 3.28 -7.91
C ASN B 59 -2.34 2.92 -7.59
N TYR B 60 -1.42 3.30 -8.45
CA TYR B 60 -0.01 2.96 -8.30
C TYR B 60 0.76 4.18 -7.80
N ALA B 61 1.51 4.00 -6.72
CA ALA B 61 2.40 5.05 -6.26
C ALA B 61 3.38 5.44 -7.35
N HIS B 62 3.70 6.74 -7.41
CA HIS B 62 4.58 7.25 -8.45
C HIS B 62 5.89 6.47 -8.52
N LYS B 63 6.47 6.12 -7.37
CA LYS B 63 7.76 5.45 -7.37
C LYS B 63 7.72 4.08 -8.03
N TYR B 64 6.55 3.47 -8.16
CA TYR B 64 6.44 2.11 -8.66
C TYR B 64 5.70 1.99 -9.98
N GLN B 65 5.28 3.10 -10.58
CA GLN B 65 4.26 3.05 -11.63
C GLN B 65 4.68 2.17 -12.79
N GLY B 66 5.93 2.25 -13.22
CA GLY B 66 6.36 1.47 -14.36
C GLY B 66 6.62 0.00 -14.08
N ARG B 67 6.72 -0.38 -12.80
CA ARG B 67 7.21 -1.71 -12.43
C ARG B 67 6.19 -2.58 -11.74
N ILE B 68 4.97 -2.08 -11.48
CA ILE B 68 4.00 -2.81 -10.68
C ILE B 68 2.72 -3.05 -11.48
N THR B 69 2.09 -4.19 -11.20
CA THR B 69 0.81 -4.55 -11.80
C THR B 69 -0.02 -5.25 -10.73
N LEU B 70 -1.23 -4.76 -10.47
CA LEU B 70 -2.11 -5.31 -9.46
C LEU B 70 -3.34 -5.91 -10.13
N THR B 71 -3.55 -7.20 -9.96
CA THR B 71 -4.70 -7.90 -10.53
C THR B 71 -5.40 -8.68 -9.43
N ARG B 72 -6.52 -9.31 -9.78
CA ARG B 72 -7.30 -10.05 -8.80
C ARG B 72 -8.11 -11.13 -9.49
N ASP B 73 -8.59 -12.08 -8.70
CA ASP B 73 -9.45 -13.17 -9.15
C ASP B 73 -10.62 -13.24 -8.18
N THR B 74 -11.70 -12.49 -8.47
CA THR B 74 -12.83 -12.41 -7.56
C THR B 74 -13.45 -13.78 -7.31
N SER B 75 -13.40 -14.66 -8.31
CA SER B 75 -13.95 -16.01 -8.13
C SER B 75 -13.23 -16.75 -7.02
N MET B 76 -11.93 -16.53 -6.89
CA MET B 76 -11.12 -17.22 -5.89
C MET B 76 -10.81 -16.35 -4.69
N LYS B 77 -11.35 -15.13 -4.63
CA LYS B 77 -11.09 -14.20 -3.53
C LYS B 77 -9.60 -14.03 -3.30
N THR B 78 -8.85 -13.75 -4.37
CA THR B 78 -7.40 -13.67 -4.29
C THR B 78 -6.91 -12.46 -5.04
N ALA B 79 -6.03 -11.68 -4.39
CA ALA B 79 -5.36 -10.56 -5.01
C ALA B 79 -3.93 -10.93 -5.38
N TYR B 80 -3.41 -10.27 -6.42
CA TYR B 80 -2.08 -10.57 -6.93
C TYR B 80 -1.30 -9.29 -7.13
N MET B 81 0.01 -9.38 -6.93
CA MET B 81 0.93 -8.28 -7.21
C MET B 81 2.11 -8.80 -7.99
N GLN B 82 2.41 -8.15 -9.12
CA GLN B 82 3.54 -8.50 -9.95
C GLN B 82 4.52 -7.34 -10.00
N LEU B 83 5.80 -7.64 -9.81
CA LEU B 83 6.87 -6.66 -9.84
C LEU B 83 7.92 -7.10 -10.84
N THR B 84 8.32 -6.18 -11.72
CA THR B 84 9.29 -6.48 -12.77
C THR B 84 10.56 -5.68 -12.59
N ASN B 85 11.60 -6.08 -13.33
CA ASN B 85 12.90 -5.41 -13.35
C ASN B 85 13.47 -5.25 -11.95
N LEU B 86 13.59 -6.38 -11.25
CA LEU B 86 14.02 -6.38 -9.86
C LEU B 86 15.48 -5.95 -9.75
N ARG B 87 15.76 -5.03 -8.83
CA ARG B 87 17.11 -4.52 -8.66
C ARG B 87 17.79 -5.21 -7.47
N SER B 88 19.09 -4.96 -7.34
CA SER B 88 19.88 -5.61 -6.29
C SER B 88 19.39 -5.24 -4.90
N ASP B 89 18.86 -4.03 -4.72
CA ASP B 89 18.38 -3.56 -3.43
C ASP B 89 16.86 -3.68 -3.30
N ASP B 90 16.23 -4.50 -4.12
CA ASP B 90 14.78 -4.70 -4.04
C ASP B 90 14.38 -5.74 -3.00
N THR B 91 15.34 -6.32 -2.29
CA THR B 91 15.03 -7.32 -1.28
C THR B 91 14.14 -6.71 -0.20
N ALA B 92 12.99 -7.34 0.06
CA ALA B 92 12.00 -6.76 0.96
C ALA B 92 10.95 -7.81 1.29
N VAL B 93 10.15 -7.49 2.30
CA VAL B 93 8.97 -8.28 2.68
C VAL B 93 7.74 -7.50 2.23
N PHE B 94 6.91 -8.11 1.41
CA PHE B 94 5.72 -7.46 0.87
C PHE B 94 4.49 -7.97 1.61
N TYR B 95 3.62 -7.04 2.01
CA TYR B 95 2.44 -7.36 2.78
C TYR B 95 1.18 -7.02 2.00
N CYS B 96 0.20 -7.89 2.11
CA CYS B 96 -1.15 -7.66 1.62
C CYS B 96 -2.03 -7.28 2.82
N VAL B 97 -2.80 -6.21 2.68
CA VAL B 97 -3.44 -5.57 3.82
C VAL B 97 -4.84 -5.08 3.45
N ARG B 98 -5.74 -5.08 4.45
CA ARG B 98 -7.13 -4.64 4.27
C ARG B 98 -7.51 -3.69 5.42
N LYS B 99 -8.55 -2.88 5.19
CA LYS B 99 -8.95 -1.88 6.18
C LYS B 99 -9.84 -2.50 7.26
N ARG B 100 -10.17 -1.69 8.27
CA ARG B 100 -10.74 -2.22 9.50
C ARG B 100 -12.24 -2.50 9.37
N VAL B 101 -13.00 -1.55 8.82
CA VAL B 101 -14.46 -1.62 8.82
C VAL B 101 -14.99 -1.25 7.45
N TYR B 102 -16.04 -1.92 7.01
CA TYR B 102 -16.61 -1.66 5.70
C TYR B 102 -17.10 -0.23 5.60
N ASP B 103 -16.92 0.36 4.41
CA ASP B 103 -17.50 1.64 4.02
C ASP B 103 -16.79 2.82 4.68
N GLU B 104 -15.91 2.56 5.64
CA GLU B 104 -15.31 3.65 6.40
C GLU B 104 -13.93 4.03 5.89
N TYR B 105 -13.09 4.56 6.77
CA TYR B 105 -11.78 5.07 6.40
C TYR B 105 -10.91 3.97 5.79
N ASP B 106 -10.22 4.31 4.70
CA ASP B 106 -9.57 3.32 3.85
C ASP B 106 -8.15 2.97 4.28
N TRP B 107 -7.56 3.72 5.20
CA TRP B 107 -6.14 3.55 5.50
C TRP B 107 -5.89 2.99 6.90
N ASP B 108 -6.94 2.72 7.68
CA ASP B 108 -6.80 2.06 8.98
C ASP B 108 -6.65 0.57 8.73
N TRP B 109 -5.40 0.12 8.54
CA TRP B 109 -5.11 -1.24 8.10
C TRP B 109 -5.03 -2.15 9.33
N ALA B 110 -6.17 -2.79 9.64
CA ALA B 110 -6.25 -3.68 10.79
C ALA B 110 -5.93 -5.13 10.46
N TYR B 111 -5.97 -5.52 9.19
CA TYR B 111 -5.79 -6.91 8.78
C TYR B 111 -4.65 -7.00 7.79
N TRP B 112 -3.57 -7.65 8.20
CA TRP B 112 -2.40 -7.85 7.36
C TRP B 112 -2.25 -9.32 6.99
N GLY B 113 -1.63 -9.56 5.85
CA GLY B 113 -1.15 -10.89 5.54
C GLY B 113 0.13 -11.19 6.30
N GLN B 114 0.51 -12.48 6.30
CA GLN B 114 1.71 -12.87 7.01
C GLN B 114 2.98 -12.30 6.37
N GLY B 115 2.90 -11.87 5.12
CA GLY B 115 4.04 -11.29 4.45
C GLY B 115 4.76 -12.30 3.58
N THR B 116 5.29 -11.81 2.46
CA THR B 116 6.06 -12.62 1.52
C THR B 116 7.44 -11.99 1.36
N LEU B 117 8.47 -12.72 1.79
CA LEU B 117 9.84 -12.27 1.62
C LEU B 117 10.33 -12.59 0.21
N VAL B 118 10.82 -11.58 -0.49
CA VAL B 118 11.40 -11.73 -1.82
C VAL B 118 12.86 -11.31 -1.75
N THR B 119 13.77 -12.24 -2.04
CA THR B 119 15.19 -12.00 -1.98
C THR B 119 15.76 -11.91 -3.39
N VAL B 120 16.38 -10.77 -3.71
CA VAL B 120 16.97 -10.55 -5.01
C VAL B 120 18.48 -10.68 -4.87
N SER B 121 19.04 -11.71 -5.51
CA SER B 121 20.47 -11.93 -5.47
C SER B 121 20.88 -12.70 -6.72
N ALA B 122 22.08 -12.39 -7.22
CA ALA B 122 22.65 -13.15 -8.31
C ALA B 122 23.22 -14.49 -7.84
N ALA B 123 23.27 -14.72 -6.54
CA ALA B 123 23.85 -15.95 -6.00
C ALA B 123 22.89 -17.12 -6.15
N SER B 124 23.45 -18.32 -6.13
CA SER B 124 22.70 -19.56 -6.08
C SER B 124 22.97 -20.27 -4.76
N THR B 125 22.21 -21.34 -4.52
CA THR B 125 22.32 -22.11 -3.29
C THR B 125 23.74 -22.57 -3.04
N THR B 126 24.38 -21.98 -2.03
CA THR B 126 25.79 -22.24 -1.74
C THR B 126 25.94 -22.69 -0.29
N PRO B 127 26.51 -23.86 -0.02
CA PRO B 127 26.65 -24.32 1.35
C PRO B 127 27.77 -23.56 2.06
N PRO B 128 27.78 -23.56 3.39
CA PRO B 128 28.80 -22.82 4.13
C PRO B 128 30.04 -23.66 4.44
N SER B 129 31.16 -22.96 4.52
CA SER B 129 32.40 -23.52 5.07
C SER B 129 32.42 -23.26 6.56
N VAL B 130 32.76 -24.27 7.35
CA VAL B 130 32.77 -24.18 8.80
C VAL B 130 34.21 -24.24 9.27
N TYR B 131 34.70 -23.15 9.86
CA TYR B 131 36.07 -23.04 10.29
C TYR B 131 36.15 -22.92 11.80
N PRO B 132 37.01 -23.69 12.46
CA PRO B 132 37.10 -23.62 13.92
C PRO B 132 38.01 -22.48 14.36
N LEU B 133 37.67 -21.91 15.52
CA LEU B 133 38.40 -20.80 16.12
C LEU B 133 38.87 -21.24 17.50
N ALA B 134 40.18 -21.43 17.64
CA ALA B 134 40.78 -21.92 18.86
C ALA B 134 41.89 -20.99 19.32
N PRO B 135 42.16 -20.92 20.61
CA PRO B 135 43.18 -19.99 21.12
C PRO B 135 44.57 -20.35 20.62
N GLY B 136 45.48 -19.38 20.77
CA GLY B 136 46.79 -19.45 20.15
C GLY B 136 47.83 -20.27 20.89
N SER B 137 47.79 -21.59 20.70
CA SER B 137 48.87 -22.50 21.09
C SER B 137 49.19 -22.45 22.57
N ALA B 138 49.81 -21.34 23.01
CA ALA B 138 50.25 -21.23 24.41
C ALA B 138 49.08 -21.38 25.37
N ALA B 139 47.96 -20.72 25.08
CA ALA B 139 46.74 -20.78 25.88
C ALA B 139 47.04 -20.48 27.35
N GLN B 140 47.32 -19.19 27.60
CA GLN B 140 47.48 -18.68 28.96
C GLN B 140 46.23 -19.01 29.75
N THR B 141 46.29 -20.12 30.49
CA THR B 141 45.10 -20.74 31.08
C THR B 141 44.56 -19.88 32.21
N ASN B 142 43.57 -19.04 31.90
CA ASN B 142 42.80 -18.34 32.91
C ASN B 142 41.67 -19.24 33.39
N SER B 143 40.68 -18.67 34.08
CA SER B 143 39.61 -19.50 34.63
C SER B 143 38.77 -20.12 33.51
N MET B 144 38.46 -19.35 32.48
CA MET B 144 37.64 -19.82 31.37
C MET B 144 38.29 -19.42 30.06
N VAL B 145 37.96 -20.17 29.01
CA VAL B 145 38.53 -19.97 27.69
C VAL B 145 37.40 -19.83 26.68
N THR B 146 37.56 -18.89 25.75
CA THR B 146 36.56 -18.60 24.74
C THR B 146 36.94 -19.30 23.43
N LEU B 147 36.05 -20.16 22.94
CA LEU B 147 36.17 -20.79 21.64
C LEU B 147 35.22 -20.13 20.66
N GLY B 148 35.34 -20.51 19.38
CA GLY B 148 34.57 -19.86 18.34
C GLY B 148 34.35 -20.73 17.13
N CYS B 149 33.45 -20.28 16.28
CA CYS B 149 33.08 -20.99 15.06
C CYS B 149 32.72 -19.97 13.98
N LEU B 150 33.33 -20.09 12.80
CA LEU B 150 33.09 -19.17 11.70
C LEU B 150 32.34 -19.90 10.59
N VAL B 151 31.11 -19.46 10.32
CA VAL B 151 30.26 -20.01 9.28
C VAL B 151 30.27 -19.02 8.12
N LYS B 152 31.02 -19.33 7.08
CA LYS B 152 31.35 -18.34 6.04
C LYS B 152 30.80 -18.78 4.69
N GLY B 153 30.28 -17.80 3.94
CA GLY B 153 29.93 -17.97 2.54
C GLY B 153 28.77 -18.89 2.22
N TYR B 154 27.64 -18.72 2.90
CA TYR B 154 26.47 -19.53 2.63
C TYR B 154 25.36 -18.69 2.00
N PHE B 155 24.43 -19.37 1.35
CA PHE B 155 23.27 -18.74 0.72
C PHE B 155 22.20 -19.78 0.43
N PRO B 156 20.93 -19.52 0.79
CA PRO B 156 20.49 -18.32 1.49
C PRO B 156 20.42 -18.49 3.01
N GLU B 157 19.98 -17.44 3.70
CA GLU B 157 19.69 -17.55 5.12
C GLU B 157 18.51 -18.49 5.34
N PRO B 158 18.40 -19.10 6.53
CA PRO B 158 19.29 -18.97 7.68
C PRO B 158 20.22 -20.18 7.87
N VAL B 159 21.04 -20.12 8.92
CA VAL B 159 21.74 -21.28 9.43
C VAL B 159 21.48 -21.34 10.93
N THR B 160 21.50 -22.55 11.47
CA THR B 160 21.38 -22.77 12.90
C THR B 160 22.71 -23.27 13.44
N VAL B 161 23.21 -22.62 14.49
CA VAL B 161 24.48 -22.98 15.11
C VAL B 161 24.18 -23.44 16.53
N THR B 162 24.61 -24.66 16.86
CA THR B 162 24.55 -25.18 18.22
C THR B 162 25.96 -25.54 18.67
N TRP B 163 26.13 -25.64 19.99
CA TRP B 163 27.40 -25.98 20.61
C TRP B 163 27.23 -27.26 21.41
N ASN B 164 28.00 -28.29 21.05
CA ASN B 164 27.95 -29.59 21.73
C ASN B 164 26.54 -30.16 21.72
N SER B 165 25.91 -30.13 20.55
CA SER B 165 24.56 -30.65 20.34
C SER B 165 23.55 -29.97 21.25
N GLY B 166 23.77 -28.70 21.56
CA GLY B 166 22.90 -27.96 22.46
C GLY B 166 23.19 -28.13 23.94
N SER B 167 24.10 -29.04 24.30
CA SER B 167 24.43 -29.22 25.72
C SER B 167 25.02 -27.95 26.33
N LEU B 168 25.73 -27.16 25.54
CA LEU B 168 26.28 -25.88 25.99
C LEU B 168 25.44 -24.76 25.43
N SER B 169 24.78 -24.01 26.31
CA SER B 169 23.98 -22.86 25.89
C SER B 169 24.38 -21.62 26.69
N SER B 170 24.76 -21.82 27.95
CA SER B 170 25.26 -20.73 28.77
C SER B 170 26.61 -20.26 28.24
N GLY B 171 26.74 -18.95 28.03
CA GLY B 171 27.96 -18.38 27.50
C GLY B 171 28.11 -18.45 26.01
N VAL B 172 27.05 -18.78 25.28
CA VAL B 172 27.09 -18.87 23.83
C VAL B 172 26.65 -17.53 23.25
N HIS B 173 27.32 -17.12 22.17
CA HIS B 173 27.00 -15.87 21.49
C HIS B 173 27.04 -16.15 19.98
N THR B 174 25.89 -16.45 19.41
CA THR B 174 25.76 -16.59 17.97
C THR B 174 25.35 -15.23 17.39
N PHE B 175 26.20 -14.67 16.54
CA PHE B 175 25.98 -13.30 16.11
C PHE B 175 25.14 -13.25 14.84
N PRO B 176 24.40 -12.16 14.63
CA PRO B 176 23.63 -12.00 13.39
C PRO B 176 24.53 -12.09 12.16
N ALA B 177 23.96 -12.59 11.08
CA ALA B 177 24.72 -12.75 9.85
C ALA B 177 24.96 -11.42 9.18
N VAL B 178 26.07 -11.34 8.44
CA VAL B 178 26.40 -10.16 7.65
C VAL B 178 26.52 -10.57 6.18
N LEU B 179 26.40 -9.59 5.30
CA LEU B 179 26.41 -9.83 3.86
C LEU B 179 27.55 -9.09 3.20
N GLN B 180 28.61 -9.83 2.86
CA GLN B 180 29.50 -9.55 1.74
C GLN B 180 29.73 -10.84 0.97
N SER B 181 30.34 -10.70 -0.19
CA SER B 181 30.61 -11.81 -1.12
C SER B 181 29.35 -12.23 -1.90
N ASP B 182 28.29 -11.42 -1.86
CA ASP B 182 26.93 -11.83 -2.24
C ASP B 182 26.51 -13.08 -1.47
N LEU B 183 27.14 -13.31 -0.31
CA LEU B 183 26.92 -14.49 0.51
C LEU B 183 26.86 -14.06 1.96
N TYR B 184 26.50 -14.98 2.83
CA TYR B 184 26.34 -14.64 4.24
C TYR B 184 27.44 -15.29 5.08
N THR B 185 27.76 -14.63 6.20
CA THR B 185 28.79 -15.10 7.11
C THR B 185 28.38 -14.72 8.53
N LEU B 186 28.38 -15.68 9.44
CA LEU B 186 28.17 -15.38 10.85
C LEU B 186 29.23 -16.10 11.70
N SER B 187 29.49 -15.52 12.86
CA SER B 187 30.42 -16.08 13.82
C SER B 187 29.69 -16.40 15.12
N SER B 188 30.24 -17.35 15.88
CA SER B 188 29.64 -17.75 17.15
C SER B 188 30.74 -18.08 18.14
N SER B 189 30.51 -17.74 19.40
CA SER B 189 31.50 -17.93 20.46
C SER B 189 30.88 -18.63 21.66
N VAL B 190 31.61 -19.58 22.22
CA VAL B 190 31.23 -20.25 23.46
C VAL B 190 32.38 -20.10 24.46
N THR B 191 32.03 -19.85 25.71
CA THR B 191 33.02 -19.67 26.77
C THR B 191 32.78 -20.75 27.84
N VAL B 192 33.74 -21.64 27.98
CA VAL B 192 33.64 -22.77 28.90
C VAL B 192 34.79 -22.67 29.90
N PRO B 193 34.70 -23.40 31.02
CA PRO B 193 35.84 -23.41 31.96
C PRO B 193 37.08 -24.03 31.33
N SER B 194 38.23 -23.52 31.77
CA SER B 194 39.51 -24.01 31.23
C SER B 194 39.74 -25.48 31.55
N SER B 195 39.15 -25.99 32.63
CA SER B 195 39.24 -27.41 32.91
C SER B 195 38.33 -28.23 32.02
N THR B 196 37.37 -27.59 31.33
CA THR B 196 36.49 -28.29 30.41
C THR B 196 37.20 -28.57 29.09
N TRP B 197 37.93 -27.59 28.57
CA TRP B 197 38.56 -27.67 27.26
C TRP B 197 40.02 -27.28 27.37
N PRO B 198 40.92 -28.00 26.68
CA PRO B 198 40.65 -29.08 25.74
C PRO B 198 40.50 -30.45 26.38
N SER B 199 40.17 -30.47 27.68
CA SER B 199 40.03 -31.75 28.38
C SER B 199 38.87 -32.57 27.81
N GLU B 200 37.81 -31.91 27.37
CA GLU B 200 36.65 -32.59 26.82
C GLU B 200 36.28 -31.99 25.48
N THR B 201 35.51 -32.76 24.71
CA THR B 201 35.20 -32.38 23.34
C THR B 201 34.21 -31.22 23.30
N VAL B 202 34.53 -30.21 22.52
CA VAL B 202 33.64 -29.09 22.25
C VAL B 202 33.51 -28.99 20.73
N THR B 203 32.33 -29.33 20.21
CA THR B 203 32.09 -29.32 18.77
C THR B 203 31.07 -28.25 18.40
N CYS B 204 31.20 -27.73 17.19
CA CYS B 204 30.32 -26.70 16.67
C CYS B 204 29.43 -27.34 15.61
N ASN B 205 28.12 -27.37 15.88
CA ASN B 205 27.13 -27.97 15.01
C ASN B 205 26.46 -26.90 14.18
N VAL B 206 26.62 -26.99 12.86
CA VAL B 206 26.08 -26.01 11.92
C VAL B 206 25.12 -26.73 10.98
N ALA B 207 23.95 -26.12 10.76
CA ALA B 207 22.92 -26.69 9.90
C ALA B 207 22.49 -25.66 8.87
N HIS B 208 22.57 -26.04 7.59
CA HIS B 208 22.10 -25.22 6.47
C HIS B 208 21.04 -26.04 5.74
N PRO B 209 19.76 -25.86 6.06
CA PRO B 209 18.73 -26.71 5.43
C PRO B 209 18.60 -26.50 3.93
N ALA B 210 18.95 -25.32 3.43
CA ALA B 210 18.76 -25.04 2.00
C ALA B 210 19.61 -25.93 1.12
N SER B 211 20.86 -26.17 1.51
CA SER B 211 21.82 -26.90 0.69
C SER B 211 22.07 -28.31 1.21
N SER B 212 21.15 -28.86 2.01
CA SER B 212 21.26 -30.21 2.54
C SER B 212 22.56 -30.41 3.31
N THR B 213 22.87 -29.45 4.17
CA THR B 213 24.18 -29.37 4.82
C THR B 213 24.00 -29.40 6.33
N LYS B 214 24.67 -30.36 6.97
CA LYS B 214 24.87 -30.35 8.42
C LYS B 214 26.30 -30.78 8.70
N VAL B 215 27.09 -29.89 9.28
CA VAL B 215 28.50 -30.13 9.54
C VAL B 215 28.77 -29.99 11.03
N ASP B 216 29.66 -30.82 11.55
CA ASP B 216 30.16 -30.70 12.91
C ASP B 216 31.67 -30.53 12.86
N LYS B 217 32.18 -29.52 13.57
CA LYS B 217 33.61 -29.23 13.59
C LYS B 217 34.08 -29.13 15.03
N LYS B 218 34.90 -30.09 15.45
CA LYS B 218 35.44 -30.08 16.81
C LYS B 218 36.55 -29.04 16.93
N ILE B 219 36.55 -28.30 18.03
CA ILE B 219 37.58 -27.29 18.26
C ILE B 219 38.79 -27.98 18.89
N VAL B 220 39.92 -27.91 18.21
CA VAL B 220 41.17 -28.56 18.63
C VAL B 220 42.20 -27.47 18.92
N PRO B 221 43.05 -27.62 19.94
CA PRO B 221 44.12 -26.64 20.15
C PRO B 221 45.06 -26.56 18.95
N ARG B 222 45.44 -25.34 18.60
CA ARG B 222 46.38 -25.13 17.51
C ARG B 222 47.76 -25.67 17.89
N ASP B 223 48.43 -26.29 16.92
CA ASP B 223 49.79 -26.79 17.08
C ASP B 223 50.75 -25.88 16.31
N CYS B 224 51.91 -25.61 16.92
CA CYS B 224 52.85 -24.62 16.38
C CYS B 224 54.28 -25.12 16.50
N ASP B 225 55.12 -24.67 15.57
CA ASP B 225 56.56 -24.95 15.61
C ASP B 225 57.31 -23.92 14.77
N GLU C 1 2.51 15.99 -1.22
CA GLU C 1 2.89 14.90 -0.33
C GLU C 1 2.76 15.32 1.13
N ILE C 2 2.88 14.35 2.04
CA ILE C 2 2.77 14.60 3.47
C ILE C 2 3.91 13.85 4.15
N VAL C 3 4.88 14.60 4.69
CA VAL C 3 6.01 14.01 5.39
C VAL C 3 5.67 13.92 6.87
N LEU C 4 6.03 12.80 7.49
CA LEU C 4 5.76 12.54 8.91
C LEU C 4 7.09 12.36 9.62
N THR C 5 7.51 13.36 10.39
CA THR C 5 8.77 13.29 11.12
C THR C 5 8.53 12.68 12.50
N GLN C 6 9.13 11.51 12.72
CA GLN C 6 9.04 10.81 13.99
C GLN C 6 10.31 11.07 14.79
N SER C 7 10.15 11.51 16.04
CA SER C 7 11.30 11.82 16.89
C SER C 7 11.06 11.26 18.29
N PRO C 8 12.11 10.75 18.95
CA PRO C 8 13.44 10.56 18.38
C PRO C 8 13.50 9.29 17.53
N GLY C 9 14.61 9.06 16.81
CA GLY C 9 14.72 7.83 16.04
C GLY C 9 14.96 6.63 16.93
N ILE C 10 15.94 6.71 17.81
CA ILE C 10 16.26 5.66 18.77
C ILE C 10 15.75 6.07 20.14
N LEU C 11 15.27 5.10 20.91
CA LEU C 11 14.71 5.35 22.25
C LEU C 11 15.03 4.16 23.14
N SER C 12 16.07 4.31 23.98
CA SER C 12 16.53 3.24 24.87
C SER C 12 15.89 3.41 26.24
N LEU C 13 15.17 2.40 26.69
CA LEU C 13 14.46 2.43 27.96
C LEU C 13 14.45 1.03 28.58
N SER C 14 14.10 0.98 29.86
CA SER C 14 14.05 -0.24 30.64
C SER C 14 12.61 -0.63 30.93
N PRO C 15 12.32 -1.94 31.07
CA PRO C 15 10.93 -2.36 31.31
C PRO C 15 10.39 -1.78 32.60
N GLY C 16 9.25 -1.10 32.49
CA GLY C 16 8.64 -0.38 33.60
C GLY C 16 8.54 1.11 33.36
N GLU C 17 9.41 1.67 32.53
CA GLU C 17 9.44 3.10 32.29
C GLU C 17 8.37 3.49 31.28
N ARG C 18 8.22 4.80 31.07
CA ARG C 18 7.23 5.36 30.16
C ARG C 18 7.92 5.82 28.89
N ALA C 19 7.34 5.49 27.73
CA ALA C 19 7.87 5.86 26.44
C ALA C 19 6.88 6.79 25.75
N THR C 20 7.33 8.00 25.40
CA THR C 20 6.51 8.98 24.70
C THR C 20 7.06 9.17 23.28
N LEU C 21 6.32 8.68 22.30
CA LEU C 21 6.74 8.75 20.90
C LEU C 21 6.08 9.93 20.22
N SER C 22 6.88 10.73 19.52
CA SER C 22 6.37 11.91 18.83
C SER C 22 6.19 11.65 17.34
N CYS C 23 5.21 12.35 16.76
CA CYS C 23 5.08 12.38 15.31
C CYS C 23 4.50 13.72 14.91
N ARG C 24 5.13 14.38 13.94
CA ARG C 24 4.68 15.67 13.46
C ARG C 24 4.51 15.60 11.95
N THR C 25 3.32 16.01 11.48
CA THR C 25 2.99 16.03 10.06
C THR C 25 3.28 17.41 9.47
N SER C 26 3.44 17.43 8.14
CA SER C 26 3.70 18.69 7.45
C SER C 26 2.45 19.56 7.30
N GLN C 27 1.26 18.97 7.47
CA GLN C 27 0.01 19.70 7.31
C GLN C 27 -0.92 19.36 8.45
N ASP C 28 -1.91 20.22 8.66
CA ASP C 28 -3.00 19.90 9.58
C ASP C 28 -3.82 18.75 9.00
N VAL C 29 -4.14 17.77 9.85
CA VAL C 29 -4.86 16.59 9.38
C VAL C 29 -6.05 16.30 10.29
N GLY C 30 -6.52 17.31 11.02
CA GLY C 30 -7.64 17.08 11.90
C GLY C 30 -7.24 16.24 13.11
N SER C 31 -8.24 15.57 13.70
CA SER C 31 -7.98 14.77 14.89
C SER C 31 -8.49 13.34 14.75
N ASN C 32 -8.78 12.88 13.54
CA ASN C 32 -9.36 11.55 13.34
C ASN C 32 -8.83 10.92 12.06
N SER C 33 -7.50 10.94 11.90
CA SER C 33 -6.91 10.37 10.70
C SER C 33 -5.66 9.55 11.04
N LEU C 34 -4.72 10.18 11.75
CA LEU C 34 -3.42 9.56 11.99
C LEU C 34 -3.54 8.23 12.72
N ALA C 35 -2.73 7.27 12.30
CA ALA C 35 -2.73 5.93 12.87
C ALA C 35 -1.31 5.51 13.22
N TRP C 36 -1.20 4.64 14.21
CA TRP C 36 0.07 4.10 14.66
C TRP C 36 0.11 2.59 14.47
N TYR C 37 1.31 2.08 14.18
CA TYR C 37 1.51 0.65 13.97
C TYR C 37 2.72 0.18 14.74
N GLN C 38 2.67 -1.09 15.17
CA GLN C 38 3.77 -1.73 15.90
C GLN C 38 4.41 -2.79 15.01
N GLU C 39 5.73 -2.71 14.85
CA GLU C 39 6.48 -3.64 14.00
C GLU C 39 7.47 -4.41 14.88
N LYS C 40 7.25 -5.71 15.00
CA LYS C 40 8.15 -6.63 15.66
C LYS C 40 8.69 -7.63 14.65
N PRO C 41 9.99 -7.92 14.68
CA PRO C 41 10.57 -8.82 13.67
C PRO C 41 10.02 -10.23 13.80
N GLY C 42 9.57 -10.78 12.68
CA GLY C 42 9.02 -12.11 12.63
C GLY C 42 7.52 -12.18 12.47
N GLN C 43 6.83 -11.05 12.58
CA GLN C 43 5.38 -11.00 12.43
C GLN C 43 4.98 -9.75 11.69
N ALA C 44 3.76 -9.75 11.15
CA ALA C 44 3.28 -8.62 10.40
C ALA C 44 3.06 -7.42 11.32
N PRO C 45 3.22 -6.20 10.80
CA PRO C 45 2.86 -5.02 11.58
C PRO C 45 1.43 -5.08 12.07
N ARG C 46 1.18 -4.41 13.19
CA ARG C 46 -0.10 -4.46 13.88
C ARG C 46 -0.61 -3.04 14.07
N LEU C 47 -1.84 -2.80 13.65
CA LEU C 47 -2.47 -1.51 13.90
C LEU C 47 -2.69 -1.33 15.40
N LEU C 48 -2.19 -0.22 15.94
CA LEU C 48 -2.32 0.09 17.36
C LEU C 48 -3.43 1.09 17.62
N VAL C 49 -3.37 2.24 16.96
CA VAL C 49 -4.27 3.35 17.20
C VAL C 49 -4.73 3.89 15.85
N TYR C 50 -6.02 4.19 15.74
CA TYR C 50 -6.56 4.82 14.56
C TYR C 50 -7.34 6.06 14.98
N GLY C 51 -7.53 6.97 14.03
CA GLY C 51 -8.15 8.25 14.38
C GLY C 51 -7.43 8.97 15.50
N ALA C 52 -6.10 8.96 15.48
CA ALA C 52 -5.25 9.64 16.44
C ALA C 52 -5.35 9.08 17.86
N SER C 53 -6.56 8.74 18.32
CA SER C 53 -6.74 8.39 19.73
C SER C 53 -7.54 7.12 19.99
N ASN C 54 -8.03 6.43 18.96
CA ASN C 54 -8.84 5.24 19.17
C ASN C 54 -7.95 3.99 19.20
N ARG C 55 -8.03 3.23 20.28
CA ARG C 55 -7.30 1.98 20.38
C ARG C 55 -7.94 0.92 19.47
N ALA C 56 -7.08 0.20 18.74
CA ALA C 56 -7.57 -0.88 17.90
C ALA C 56 -7.97 -2.08 18.75
N THR C 57 -8.67 -3.01 18.12
CA THR C 57 -9.15 -4.20 18.83
C THR C 57 -7.97 -5.05 19.29
N GLY C 58 -7.98 -5.42 20.56
CA GLY C 58 -6.97 -6.31 21.10
C GLY C 58 -5.74 -5.65 21.69
N VAL C 59 -5.63 -4.33 21.63
CA VAL C 59 -4.48 -3.63 22.19
C VAL C 59 -4.82 -3.22 23.62
N PRO C 60 -3.90 -3.35 24.56
CA PRO C 60 -4.19 -2.99 25.96
C PRO C 60 -4.21 -1.48 26.16
N ASP C 61 -4.69 -1.09 27.33
CA ASP C 61 -4.77 0.34 27.66
C ASP C 61 -3.41 0.97 27.89
N ARG C 62 -2.34 0.18 27.95
CA ARG C 62 -0.99 0.75 28.05
C ARG C 62 -0.67 1.65 26.87
N PHE C 63 -1.26 1.39 25.71
CA PHE C 63 -1.03 2.18 24.51
C PHE C 63 -2.11 3.26 24.38
N SER C 64 -1.67 4.51 24.26
CA SER C 64 -2.58 5.65 24.24
C SER C 64 -2.06 6.65 23.21
N GLY C 65 -2.93 7.06 22.28
CA GLY C 65 -2.57 8.04 21.27
C GLY C 65 -3.30 9.35 21.51
N GLY C 66 -2.60 10.46 21.28
CA GLY C 66 -3.15 11.78 21.48
C GLY C 66 -2.62 12.75 20.45
N GLY C 67 -3.15 13.97 20.49
CA GLY C 67 -2.72 15.01 19.60
C GLY C 67 -3.78 15.38 18.57
N SER C 68 -3.65 16.58 18.02
CA SER C 68 -4.66 17.08 17.09
C SER C 68 -4.03 17.71 15.84
N GLY C 69 -3.63 18.96 15.93
CA GLY C 69 -3.20 19.70 14.74
C GLY C 69 -2.12 19.04 13.92
N THR C 70 -0.86 19.22 14.33
CA THR C 70 0.26 18.57 13.69
C THR C 70 1.13 17.76 14.65
N ASP C 71 0.97 17.95 15.96
CA ASP C 71 1.70 17.21 16.97
C ASP C 71 0.86 16.04 17.46
N PHE C 72 1.39 14.82 17.32
CA PHE C 72 0.72 13.63 17.82
C PHE C 72 1.68 12.86 18.72
N THR C 73 1.10 12.13 19.68
CA THR C 73 1.90 11.38 20.63
C THR C 73 1.32 9.99 20.81
N LEU C 74 2.18 8.99 20.67
CA LEU C 74 1.88 7.63 21.10
C LEU C 74 2.59 7.40 22.43
N THR C 75 1.82 7.10 23.46
CA THR C 75 2.35 6.91 24.81
C THR C 75 2.18 5.46 25.23
N ILE C 76 3.21 4.91 25.85
CA ILE C 76 3.18 3.57 26.42
C ILE C 76 3.41 3.72 27.92
N SER C 77 2.34 3.49 28.69
CA SER C 77 2.34 3.91 30.10
C SER C 77 3.41 3.18 30.90
N ARG C 78 3.47 1.84 30.80
CA ARG C 78 4.39 1.09 31.63
C ARG C 78 5.40 0.24 30.87
N LEU C 79 5.17 -0.07 29.59
CA LEU C 79 6.20 -0.66 28.73
C LEU C 79 6.61 -2.06 29.19
N GLU C 80 5.99 -3.08 28.64
CA GLU C 80 6.30 -4.47 28.94
C GLU C 80 7.37 -4.97 27.99
N PRO C 81 7.98 -6.14 28.28
CA PRO C 81 8.93 -6.72 27.31
C PRO C 81 8.32 -6.96 25.93
N GLU C 82 7.02 -7.20 25.85
CA GLU C 82 6.36 -7.36 24.56
C GLU C 82 6.37 -6.07 23.74
N ASP C 83 6.56 -4.93 24.38
CA ASP C 83 6.38 -3.63 23.73
C ASP C 83 7.62 -3.11 23.03
N PHE C 84 8.77 -3.76 23.23
CA PHE C 84 10.01 -3.30 22.62
C PHE C 84 10.00 -3.69 21.14
N ALA C 85 9.89 -2.68 20.28
CA ALA C 85 9.72 -2.85 18.85
C ALA C 85 9.98 -1.51 18.18
N VAL C 86 9.56 -1.37 16.92
CA VAL C 86 9.62 -0.09 16.21
C VAL C 86 8.20 0.30 15.84
N TYR C 87 7.88 1.58 16.01
CA TYR C 87 6.52 2.08 15.86
C TYR C 87 6.49 3.11 14.74
N TYR C 88 5.47 3.01 13.88
CA TYR C 88 5.39 3.80 12.66
C TYR C 88 4.19 4.74 12.72
N CYS C 89 4.42 5.96 12.23
CA CYS C 89 3.37 6.95 12.09
C CYS C 89 2.77 6.85 10.69
N GLN C 90 1.45 6.99 10.59
CA GLN C 90 0.80 6.87 9.28
C GLN C 90 -0.30 7.90 9.10
N GLN C 91 -0.30 8.55 7.94
CA GLN C 91 -1.45 9.32 7.50
C GLN C 91 -1.59 9.14 6.00
N TYR C 92 -2.78 8.72 5.57
CA TYR C 92 -3.05 8.40 4.16
C TYR C 92 -2.11 7.26 3.78
N GLU C 93 -1.51 7.28 2.59
CA GLU C 93 -0.54 6.27 2.20
C GLU C 93 0.87 6.55 2.73
N TYR C 94 1.05 7.62 3.50
CA TYR C 94 2.38 8.07 3.88
C TYR C 94 2.74 7.57 5.28
N PHE C 95 4.04 7.37 5.50
CA PHE C 95 4.54 6.81 6.74
C PHE C 95 5.69 7.65 7.27
N GLY C 96 5.76 7.76 8.59
CA GLY C 96 6.99 8.20 9.22
C GLY C 96 8.09 7.18 9.07
N ARG C 97 9.33 7.62 9.23
CA ARG C 97 10.42 6.65 9.08
C ARG C 97 10.62 5.79 10.32
N GLY C 98 9.71 5.88 11.28
CA GLY C 98 9.72 4.97 12.42
C GLY C 98 10.53 5.48 13.59
N THR C 99 10.19 4.95 14.77
CA THR C 99 10.91 5.21 16.01
C THR C 99 11.03 3.89 16.75
N LYS C 100 12.26 3.48 17.06
CA LYS C 100 12.49 2.21 17.72
C LYS C 100 12.65 2.42 19.23
N VAL C 101 11.94 1.61 20.01
CA VAL C 101 12.19 1.50 21.44
C VAL C 101 13.02 0.24 21.66
N GLN C 102 14.05 0.36 22.50
CA GLN C 102 15.02 -0.70 22.69
C GLN C 102 15.04 -1.14 24.14
N VAL C 103 15.23 -2.43 24.36
CA VAL C 103 15.41 -2.96 25.71
C VAL C 103 16.77 -2.53 26.22
N ASP C 104 16.78 -1.89 27.40
CA ASP C 104 18.04 -1.53 28.05
C ASP C 104 17.81 -1.55 29.56
N ILE C 105 17.77 -2.76 30.11
CA ILE C 105 17.80 -2.93 31.56
C ILE C 105 19.09 -2.31 32.09
N LYS C 106 18.96 -1.34 32.99
CA LYS C 106 20.13 -0.63 33.47
C LYS C 106 20.99 -1.54 34.34
N ARG C 107 22.28 -1.22 34.40
CA ARG C 107 23.28 -2.13 34.91
C ARG C 107 24.52 -1.32 35.29
N THR C 108 25.42 -1.96 36.03
CA THR C 108 26.72 -1.37 36.28
C THR C 108 27.65 -1.58 35.08
N ASP C 109 28.52 -0.61 34.85
CA ASP C 109 29.41 -0.65 33.69
C ASP C 109 30.31 -1.88 33.74
N ALA C 110 30.54 -2.49 32.58
CA ALA C 110 31.31 -3.72 32.48
C ALA C 110 32.27 -3.66 31.30
N ALA C 111 33.50 -4.13 31.53
CA ALA C 111 34.53 -4.16 30.49
C ALA C 111 34.30 -5.33 29.55
N PRO C 112 34.53 -5.14 28.25
CA PRO C 112 34.40 -6.27 27.32
C PRO C 112 35.51 -7.28 27.51
N THR C 113 35.19 -8.53 27.18
CA THR C 113 36.17 -9.61 27.18
C THR C 113 36.59 -9.85 25.73
N VAL C 114 37.76 -9.35 25.38
CA VAL C 114 38.22 -9.37 23.99
C VAL C 114 38.95 -10.68 23.71
N SER C 115 38.64 -11.30 22.58
CA SER C 115 39.28 -12.54 22.14
C SER C 115 39.61 -12.42 20.66
N ILE C 116 40.87 -12.63 20.29
CA ILE C 116 41.30 -12.56 18.90
C ILE C 116 41.72 -13.95 18.44
N PHE C 117 41.36 -14.29 17.20
CA PHE C 117 41.61 -15.61 16.65
C PHE C 117 42.26 -15.48 15.28
N PRO C 118 43.41 -16.08 15.06
CA PRO C 118 44.02 -16.08 13.72
C PRO C 118 43.18 -16.92 12.77
N PRO C 119 43.41 -16.81 11.47
CA PRO C 119 42.76 -17.74 10.54
C PRO C 119 43.15 -19.18 10.85
N SER C 120 42.15 -20.05 10.86
CA SER C 120 42.39 -21.47 11.08
C SER C 120 43.13 -22.07 9.90
N SER C 121 43.80 -23.19 10.15
CA SER C 121 44.52 -23.87 9.08
C SER C 121 43.58 -24.38 7.99
N GLU C 122 42.35 -24.74 8.37
CA GLU C 122 41.38 -25.20 7.38
C GLU C 122 41.06 -24.12 6.36
N GLN C 123 40.93 -22.87 6.81
CA GLN C 123 40.62 -21.79 5.89
C GLN C 123 41.82 -21.45 4.99
N LEU C 124 43.03 -21.53 5.53
CA LEU C 124 44.22 -21.25 4.75
C LEU C 124 44.45 -22.29 3.65
N THR C 125 43.90 -23.50 3.81
CA THR C 125 43.99 -24.50 2.75
C THR C 125 43.19 -24.08 1.52
N SER C 126 42.17 -23.26 1.69
CA SER C 126 41.27 -22.85 0.63
C SER C 126 41.59 -21.47 0.08
N GLY C 127 42.77 -20.93 0.37
CA GLY C 127 43.15 -19.62 -0.13
C GLY C 127 42.46 -18.45 0.54
N GLY C 128 41.80 -18.66 1.67
CA GLY C 128 41.18 -17.57 2.40
C GLY C 128 41.83 -17.35 3.75
N ALA C 129 41.59 -16.18 4.35
CA ALA C 129 42.12 -15.88 5.68
C ALA C 129 41.20 -14.88 6.36
N SER C 130 40.66 -15.26 7.52
CA SER C 130 39.76 -14.41 8.29
C SER C 130 40.26 -14.34 9.71
N VAL C 131 40.37 -13.11 10.24
CA VAL C 131 40.81 -12.87 11.60
C VAL C 131 39.59 -12.42 12.38
N VAL C 132 39.13 -13.28 13.29
CA VAL C 132 37.92 -13.04 14.07
C VAL C 132 38.32 -12.50 15.44
N CYS C 133 37.55 -11.53 15.93
CA CYS C 133 37.81 -10.89 17.21
C CYS C 133 36.49 -10.63 17.92
N PHE C 134 36.28 -11.27 19.08
CA PHE C 134 35.05 -11.12 19.84
C PHE C 134 35.23 -10.11 20.97
N LEU C 135 34.17 -9.36 21.23
CA LEU C 135 34.10 -8.42 22.35
C LEU C 135 32.83 -8.75 23.12
N ASN C 136 32.97 -9.47 24.24
CA ASN C 136 31.82 -10.10 24.89
C ASN C 136 31.52 -9.46 26.25
N ASN C 137 30.23 -9.40 26.56
CA ASN C 137 29.71 -9.10 27.89
C ASN C 137 30.23 -7.76 28.43
N PHE C 138 29.83 -6.69 27.75
CA PHE C 138 30.15 -5.34 28.18
C PHE C 138 28.88 -4.52 28.34
N TYR C 139 29.01 -3.36 28.99
CA TYR C 139 27.90 -2.46 29.22
C TYR C 139 28.45 -1.09 29.57
N PRO C 140 27.92 0.00 29.01
CA PRO C 140 26.78 0.12 28.09
C PRO C 140 27.03 -0.46 26.70
N LYS C 141 26.00 -0.41 25.85
CA LYS C 141 26.10 -1.01 24.52
C LYS C 141 27.15 -0.32 23.65
N ASP C 142 27.36 0.98 23.83
CA ASP C 142 28.23 1.74 22.94
C ASP C 142 29.67 1.26 23.05
N ILE C 143 30.25 0.91 21.90
CA ILE C 143 31.60 0.36 21.84
C ILE C 143 32.16 0.64 20.45
N ASN C 144 33.49 0.65 20.34
CA ASN C 144 34.14 0.90 19.06
C ASN C 144 35.35 -0.01 18.92
N VAL C 145 35.57 -0.51 17.70
CA VAL C 145 36.62 -1.49 17.41
C VAL C 145 37.49 -0.96 16.30
N LYS C 146 38.82 -1.03 16.49
CA LYS C 146 39.79 -0.69 15.47
C LYS C 146 40.68 -1.90 15.21
N TRP C 147 41.01 -2.12 13.94
CA TRP C 147 41.98 -3.14 13.54
C TRP C 147 43.28 -2.46 13.13
N LYS C 148 44.40 -3.07 13.49
CA LYS C 148 45.72 -2.53 13.16
C LYS C 148 46.61 -3.65 12.64
N ILE C 149 46.82 -3.68 11.33
CA ILE C 149 47.78 -4.59 10.73
C ILE C 149 49.14 -3.92 10.72
N ASP C 150 50.11 -4.53 11.40
CA ASP C 150 51.48 -4.01 11.45
C ASP C 150 51.53 -2.56 11.91
N GLY C 151 50.64 -2.21 12.84
CA GLY C 151 50.57 -0.86 13.36
C GLY C 151 49.83 0.14 12.49
N SER C 152 49.30 -0.29 11.35
CA SER C 152 48.56 0.59 10.45
C SER C 152 47.07 0.32 10.56
N GLU C 153 46.28 1.40 10.60
CA GLU C 153 44.83 1.24 10.66
C GLU C 153 44.31 0.60 9.38
N ARG C 154 43.55 -0.48 9.52
CA ARG C 154 42.95 -1.20 8.40
C ARG C 154 41.44 -1.03 8.47
N GLN C 155 40.85 -0.47 7.42
CA GLN C 155 39.41 -0.26 7.34
C GLN C 155 38.71 -1.18 6.35
N ASN C 156 39.35 -1.51 5.23
CA ASN C 156 38.74 -2.39 4.24
C ASN C 156 38.71 -3.82 4.75
N GLY C 157 37.59 -4.50 4.53
CA GLY C 157 37.46 -5.89 4.91
C GLY C 157 36.98 -6.13 6.32
N VAL C 158 36.56 -5.09 7.04
CA VAL C 158 36.07 -5.23 8.41
C VAL C 158 34.54 -5.30 8.36
N LEU C 159 33.99 -6.34 8.98
CA LEU C 159 32.55 -6.53 9.04
C LEU C 159 32.15 -6.89 10.47
N ASN C 160 31.19 -6.17 11.02
CA ASN C 160 30.83 -6.26 12.43
C ASN C 160 29.45 -6.85 12.61
N SER C 161 29.20 -7.32 13.83
CA SER C 161 27.91 -7.89 14.20
C SER C 161 27.69 -7.69 15.69
N TRP C 162 26.47 -7.28 16.05
CA TRP C 162 26.13 -6.94 17.43
C TRP C 162 24.96 -7.80 17.90
N THR C 163 25.05 -8.28 19.14
CA THR C 163 23.91 -8.92 19.78
C THR C 163 23.07 -7.88 20.52
N ASP C 164 21.81 -8.23 20.76
CA ASP C 164 20.97 -7.42 21.63
C ASP C 164 21.36 -7.66 23.09
N GLN C 165 20.67 -7.00 24.00
CA GLN C 165 20.97 -7.17 25.41
C GLN C 165 20.67 -8.59 25.85
N ASP C 166 21.65 -9.22 26.49
CA ASP C 166 21.47 -10.59 26.96
C ASP C 166 20.43 -10.63 28.07
N SER C 167 19.53 -11.60 27.98
CA SER C 167 18.40 -11.69 28.90
C SER C 167 18.76 -12.27 30.26
N LYS C 168 20.05 -12.34 30.61
CA LYS C 168 20.46 -12.89 31.90
C LYS C 168 21.42 -12.00 32.66
N ASP C 169 22.34 -11.31 31.98
CA ASP C 169 23.33 -10.48 32.65
C ASP C 169 23.32 -9.03 32.21
N SER C 170 22.39 -8.63 31.35
CA SER C 170 22.19 -7.23 30.95
C SER C 170 23.42 -6.64 30.27
N THR C 171 24.17 -7.46 29.55
CA THR C 171 25.34 -7.00 28.82
C THR C 171 25.13 -7.12 27.32
N TYR C 172 26.12 -6.68 26.56
CA TYR C 172 26.09 -6.74 25.11
C TYR C 172 27.35 -7.44 24.62
N SER C 173 27.35 -7.79 23.33
CA SER C 173 28.49 -8.46 22.73
C SER C 173 28.56 -8.09 21.26
N MET C 174 29.78 -8.08 20.74
CA MET C 174 30.05 -7.67 19.37
C MET C 174 31.13 -8.56 18.79
N SER C 175 30.98 -8.92 17.52
CA SER C 175 31.97 -9.73 16.81
C SER C 175 32.49 -8.95 15.61
N SER C 176 33.81 -8.91 15.47
CA SER C 176 34.46 -8.22 14.36
C SER C 176 35.30 -9.23 13.59
N THR C 177 35.17 -9.23 12.27
CA THR C 177 35.89 -10.16 11.41
C THR C 177 36.58 -9.38 10.31
N LEU C 178 37.90 -9.51 10.25
CA LEU C 178 38.71 -8.92 9.19
C LEU C 178 39.03 -10.01 8.18
N THR C 179 38.59 -9.81 6.93
CA THR C 179 38.77 -10.80 5.88
C THR C 179 39.83 -10.33 4.90
N LEU C 180 40.74 -11.24 4.55
CA LEU C 180 41.84 -10.96 3.64
C LEU C 180 42.05 -12.15 2.72
N THR C 181 42.73 -11.89 1.61
CA THR C 181 43.29 -12.98 0.83
C THR C 181 44.41 -13.64 1.61
N LYS C 182 44.54 -14.96 1.45
CA LYS C 182 45.62 -15.69 2.13
C LYS C 182 46.98 -15.09 1.79
N ASP C 183 47.15 -14.54 0.58
CA ASP C 183 48.42 -13.94 0.21
C ASP C 183 48.70 -12.70 1.03
N GLU C 184 47.76 -11.75 1.07
CA GLU C 184 47.97 -10.54 1.85
C GLU C 184 48.12 -10.84 3.33
N TYR C 185 47.47 -11.91 3.81
CA TYR C 185 47.62 -12.29 5.20
C TYR C 185 49.05 -12.73 5.50
N GLU C 186 49.68 -13.45 4.56
CA GLU C 186 51.03 -13.93 4.76
C GLU C 186 52.09 -12.87 4.53
N ARG C 187 51.70 -11.63 4.22
CA ARG C 187 52.64 -10.55 3.98
C ARG C 187 52.73 -9.58 5.15
N HIS C 188 52.06 -9.89 6.27
CA HIS C 188 52.14 -9.07 7.47
C HIS C 188 52.22 -10.01 8.67
N ASN C 189 52.64 -9.47 9.82
CA ASN C 189 52.91 -10.29 10.98
C ASN C 189 51.94 -10.03 12.13
N SER C 190 51.92 -8.82 12.68
CA SER C 190 51.14 -8.53 13.88
C SER C 190 49.75 -8.07 13.50
N TYR C 191 48.74 -8.81 13.95
CA TYR C 191 47.34 -8.44 13.78
C TYR C 191 46.76 -8.19 15.16
N THR C 192 46.31 -6.95 15.41
CA THR C 192 45.85 -6.56 16.72
C THR C 192 44.43 -6.04 16.65
N CYS C 193 43.69 -6.27 17.73
CA CYS C 193 42.30 -5.88 17.88
C CYS C 193 42.21 -4.85 19.01
N GLU C 194 41.64 -3.68 18.71
CA GLU C 194 41.61 -2.58 19.67
C GLU C 194 40.16 -2.21 19.99
N ALA C 195 39.82 -2.23 21.28
CA ALA C 195 38.47 -1.99 21.77
C ALA C 195 38.44 -0.76 22.66
N THR C 196 37.70 0.26 22.24
CA THR C 196 37.48 1.45 23.05
C THR C 196 36.11 1.36 23.72
N HIS C 197 36.08 1.49 25.05
CA HIS C 197 34.85 1.39 25.81
C HIS C 197 34.83 2.49 26.87
N LYS C 198 33.62 2.77 27.37
CA LYS C 198 33.43 3.83 28.35
C LYS C 198 34.22 3.57 29.64
N THR C 199 34.48 2.30 29.96
CA THR C 199 35.03 1.95 31.26
C THR C 199 36.49 2.40 31.41
N SER C 200 37.33 2.16 30.40
CA SER C 200 38.76 2.45 30.50
C SER C 200 39.14 3.60 29.56
N THR C 201 40.03 4.46 30.04
CA THR C 201 40.47 5.63 29.26
C THR C 201 41.42 5.25 28.13
N SER C 202 41.97 4.04 28.15
CA SER C 202 42.81 3.54 27.08
C SER C 202 42.26 2.21 26.56
N PRO C 203 42.38 1.95 25.26
CA PRO C 203 41.66 0.82 24.68
C PRO C 203 42.22 -0.53 25.10
N ILE C 204 41.34 -1.52 25.16
CA ILE C 204 41.74 -2.90 25.40
C ILE C 204 42.24 -3.49 24.10
N VAL C 205 43.47 -4.02 24.13
CA VAL C 205 44.17 -4.46 22.92
C VAL C 205 44.48 -5.95 23.06
N LYS C 206 43.99 -6.75 22.11
CA LYS C 206 44.39 -8.14 21.95
C LYS C 206 45.10 -8.30 20.61
N SER C 207 46.16 -9.10 20.60
CA SER C 207 47.00 -9.20 19.41
C SER C 207 47.61 -10.58 19.31
N PHE C 208 48.16 -10.87 18.14
CA PHE C 208 48.94 -12.08 17.92
C PHE C 208 49.90 -11.84 16.77
N ASN C 209 51.09 -12.40 16.88
CA ASN C 209 52.07 -12.37 15.81
C ASN C 209 52.03 -13.69 15.07
N ARG C 210 51.96 -13.61 13.74
CA ARG C 210 51.97 -14.83 12.92
C ARG C 210 53.28 -15.59 13.05
N ASN C 211 54.33 -14.95 13.57
CA ASN C 211 55.61 -15.62 13.77
C ASN C 211 55.51 -16.74 14.81
N GLU C 212 54.58 -16.62 15.75
CA GLU C 212 54.43 -17.62 16.80
C GLU C 212 53.04 -18.23 16.80
#